data_6ATI
#
_entry.id   6ATI
#
_cell.length_a   67.270
_cell.length_b   76.870
_cell.length_c   94.910
_cell.angle_alpha   90.00
_cell.angle_beta   109.68
_cell.angle_gamma   90.00
#
_symmetry.space_group_name_H-M   'P 1 21 1'
#
loop_
_entity.id
_entity.type
_entity.pdbx_description
1 polymer 'HLA class II histocompatibility antigen, DR alpha chain'
2 polymer 'MHC class II antigen'
3 polymer Vimentin-64Cit59-71
4 non-polymer 2-acetamido-2-deoxy-beta-D-glucopyranose
5 water water
#
loop_
_entity_poly.entity_id
_entity_poly.type
_entity_poly.pdbx_seq_one_letter_code
_entity_poly.pdbx_strand_id
1 'polypeptide(L)'
;IKEEHVIIQAEFYLNPDQSGEFMFDFDGDEIFHVDMAKKETVWRLEEFGRFASFEAQGALANIAVDKANLEIMTKRSNYT
PITNVPPEVTVLTNSPVELREPNVLICFIDKFTPPVVNVTWLRNGKPVTTGVSETVFLPREDHLFRKFHYLPFLPSTEDV
YDCRVEHWGLDEPLLKHWEFDTSGDDDDK
;
A,D
2 'polypeptide(L)'
;GSGDTRPRFLEYSTSECHFFNGTERVRFLERYFHNQEENVRFDSDVGEYRAVTELGRPDAEYWNSQKDLLEQRRAAVDTY
CRHNYGVGESFTVQRRVHPKVTVYPSKTQPLQHHNLLVCSVSGFYPGSIEVRWFRNGQEEKTGVVSTGLIHNGDWTFQTL
VMLETVPRSGEVYTCQVEHPSVTSPLTVEWRATGGDDDDK
;
B,E
3 'polypeptide(L)' GVYAT(CIR)SSAVRLR C,F
#
# COMPACT_ATOMS: atom_id res chain seq x y z
N GLU A 3 6.64 6.20 -4.45
CA GLU A 3 7.93 6.00 -5.10
C GLU A 3 7.85 6.15 -6.60
N GLU A 4 9.01 6.06 -7.24
CA GLU A 4 9.10 6.03 -8.68
C GLU A 4 9.44 4.59 -9.09
N HIS A 5 10.29 3.92 -8.32
CA HIS A 5 10.59 2.50 -8.55
C HIS A 5 10.84 1.77 -7.23
N VAL A 6 10.54 0.48 -7.22
CA VAL A 6 10.78 -0.35 -6.05
C VAL A 6 11.43 -1.65 -6.44
N ILE A 7 12.54 -1.97 -5.80
CA ILE A 7 13.22 -3.24 -6.01
C ILE A 7 13.10 -4.08 -4.75
N ILE A 8 12.60 -5.31 -4.90
CA ILE A 8 12.40 -6.17 -3.74
C ILE A 8 13.12 -7.50 -3.91
N GLN A 9 13.91 -7.86 -2.91
CA GLN A 9 14.48 -9.19 -2.80
C GLN A 9 13.57 -9.99 -1.88
N ALA A 10 12.90 -10.99 -2.44
CA ALA A 10 11.94 -11.82 -1.69
C ALA A 10 12.44 -13.26 -1.58
N GLU A 11 12.27 -13.85 -0.41
CA GLU A 11 12.74 -15.21 -0.19
C GLU A 11 11.85 -15.95 0.81
N PHE A 12 11.69 -17.24 0.62
CA PHE A 12 10.97 -18.00 1.61
C PHE A 12 11.52 -19.40 1.76
N TYR A 13 11.17 -20.03 2.86
CA TYR A 13 11.43 -21.43 3.08
C TYR A 13 10.18 -22.05 3.70
N LEU A 14 9.79 -23.22 3.21
CA LEU A 14 8.52 -23.83 3.61
C LEU A 14 8.67 -25.27 4.10
N ASN A 15 8.12 -25.55 5.28
CA ASN A 15 8.06 -26.88 5.86
C ASN A 15 6.61 -27.39 5.81
N PRO A 16 6.42 -28.71 5.69
CA PRO A 16 7.47 -29.73 5.63
C PRO A 16 7.95 -30.02 4.21
N ASP A 17 7.57 -29.17 3.25
CA ASP A 17 7.94 -29.41 1.86
C ASP A 17 9.43 -29.29 1.62
N GLN A 18 10.11 -28.53 2.50
CA GLN A 18 11.52 -28.21 2.36
C GLN A 18 11.77 -27.47 1.04
N SER A 19 10.89 -26.52 0.75
CA SER A 19 10.98 -25.74 -0.48
C SER A 19 11.45 -24.33 -0.17
N GLY A 20 12.45 -23.88 -0.92
CA GLY A 20 12.94 -22.53 -0.77
C GLY A 20 12.93 -21.78 -2.09
N GLU A 21 12.84 -20.46 -2.01
CA GLU A 21 12.88 -19.63 -3.20
C GLU A 21 13.55 -18.30 -2.88
N PHE A 22 14.29 -17.79 -3.85
CA PHE A 22 14.97 -16.50 -3.74
C PHE A 22 14.82 -15.76 -5.06
N MET A 23 14.28 -14.54 -5.02
CA MET A 23 14.07 -13.79 -6.25
C MET A 23 14.16 -12.28 -6.06
N PHE A 24 14.42 -11.59 -7.16
CA PHE A 24 14.41 -10.13 -7.22
C PHE A 24 13.25 -9.65 -8.09
N ASP A 25 12.58 -8.61 -7.62
CA ASP A 25 11.40 -8.04 -8.25
C ASP A 25 11.64 -6.56 -8.52
N PHE A 26 11.30 -6.11 -9.73
CA PHE A 26 11.36 -4.69 -10.08
C PHE A 26 9.96 -4.21 -10.50
N ASP A 27 9.35 -3.33 -9.70
CA ASP A 27 8.03 -2.80 -9.99
C ASP A 27 7.01 -3.89 -10.40
N GLY A 28 7.09 -5.06 -9.77
CA GLY A 28 6.13 -6.12 -10.04
C GLY A 28 6.60 -7.22 -10.99
N ASP A 29 7.71 -7.00 -11.67
CA ASP A 29 8.28 -8.00 -12.57
C ASP A 29 9.49 -8.68 -11.95
N GLU A 30 9.68 -9.95 -12.29
CA GLU A 30 10.83 -10.69 -11.80
C GLU A 30 12.08 -10.33 -12.59
N ILE A 31 13.16 -9.98 -11.91
CA ILE A 31 14.42 -9.80 -12.61
C ILE A 31 15.11 -11.16 -12.76
N PHE A 32 15.20 -11.90 -11.66
CA PHE A 32 15.76 -13.24 -11.68
C PHE A 32 15.34 -14.02 -10.44
N HIS A 33 15.51 -15.33 -10.50
CA HIS A 33 15.40 -16.17 -9.31
C HIS A 33 16.59 -17.14 -9.32
N VAL A 34 16.77 -17.87 -8.23
CA VAL A 34 17.85 -18.83 -8.15
C VAL A 34 17.30 -20.25 -8.13
N ASP A 35 17.71 -21.05 -9.10
CA ASP A 35 17.38 -22.46 -9.15
C ASP A 35 18.10 -23.17 -8.01
N MET A 36 17.37 -23.55 -6.97
CA MET A 36 17.99 -24.18 -5.80
C MET A 36 18.61 -25.54 -6.15
N ALA A 37 17.98 -26.28 -7.05
CA ALA A 37 18.49 -27.58 -7.46
C ALA A 37 19.84 -27.45 -8.16
N LYS A 38 19.88 -26.61 -9.19
CA LYS A 38 21.11 -26.45 -9.97
C LYS A 38 22.04 -25.42 -9.35
N LYS A 39 21.54 -24.71 -8.33
CA LYS A 39 22.28 -23.63 -7.69
C LYS A 39 22.77 -22.63 -8.73
N GLU A 40 21.84 -22.22 -9.59
CA GLU A 40 22.13 -21.30 -10.70
C GLU A 40 21.15 -20.12 -10.75
N THR A 41 21.64 -19.00 -11.27
CA THR A 41 20.79 -17.84 -11.50
C THR A 41 19.95 -18.00 -12.77
N VAL A 42 18.66 -17.73 -12.66
CA VAL A 42 17.77 -17.81 -13.81
C VAL A 42 17.16 -16.44 -14.12
N TRP A 43 17.58 -15.84 -15.22
CA TRP A 43 17.08 -14.51 -15.58
C TRP A 43 15.70 -14.61 -16.23
N ARG A 44 14.80 -13.70 -15.86
CA ARG A 44 13.43 -13.76 -16.35
C ARG A 44 13.36 -13.56 -17.86
N LEU A 45 14.14 -12.60 -18.35
CA LEU A 45 14.35 -12.46 -19.78
C LEU A 45 15.81 -12.81 -20.07
N GLU A 46 16.03 -13.62 -21.08
CA GLU A 46 17.36 -14.10 -21.44
C GLU A 46 18.39 -12.97 -21.53
N GLU A 47 17.99 -11.86 -22.15
CA GLU A 47 18.89 -10.74 -22.38
C GLU A 47 19.45 -10.11 -21.11
N PHE A 48 18.73 -10.23 -19.99
CA PHE A 48 19.19 -9.69 -18.71
C PHE A 48 20.59 -10.23 -18.36
N GLY A 49 20.81 -11.51 -18.64
CA GLY A 49 22.07 -12.17 -18.32
C GLY A 49 23.28 -11.58 -19.01
N ARG A 50 23.05 -10.82 -20.09
CA ARG A 50 24.14 -10.21 -20.84
C ARG A 50 24.54 -8.87 -20.24
N PHE A 51 23.63 -8.24 -19.50
CA PHE A 51 23.89 -6.92 -18.94
C PHE A 51 24.32 -6.95 -17.46
N ALA A 52 23.99 -8.03 -16.76
CA ALA A 52 24.26 -8.09 -15.34
C ALA A 52 24.54 -9.52 -14.86
N SER A 53 24.97 -9.64 -13.61
CA SER A 53 25.26 -10.96 -13.05
C SER A 53 24.84 -11.02 -11.59
N PHE A 54 24.88 -12.23 -11.04
CA PHE A 54 24.50 -12.46 -9.65
C PHE A 54 25.14 -13.75 -9.14
N GLU A 55 25.68 -13.69 -7.92
CA GLU A 55 26.28 -14.87 -7.30
C GLU A 55 25.22 -15.68 -6.57
N ALA A 56 24.83 -16.81 -7.16
CA ALA A 56 23.75 -17.62 -6.60
C ALA A 56 24.05 -18.13 -5.19
N GLN A 57 25.33 -18.26 -4.87
CA GLN A 57 25.74 -18.76 -3.56
C GLN A 57 25.22 -17.84 -2.45
N GLY A 58 25.08 -16.56 -2.76
CA GLY A 58 24.51 -15.60 -1.81
C GLY A 58 23.07 -15.92 -1.46
N ALA A 59 22.32 -16.39 -2.45
CA ALA A 59 20.92 -16.80 -2.23
C ALA A 59 20.82 -18.08 -1.41
N LEU A 60 21.67 -19.05 -1.71
CA LEU A 60 21.66 -20.31 -0.97
C LEU A 60 21.93 -20.07 0.51
N ALA A 61 22.83 -19.12 0.81
CA ALA A 61 23.15 -18.77 2.19
C ALA A 61 21.95 -18.17 2.92
N ASN A 62 21.21 -17.31 2.23
CA ASN A 62 20.00 -16.72 2.82
C ASN A 62 18.92 -17.78 3.07
N ILE A 63 18.79 -18.73 2.14
CA ILE A 63 17.80 -19.80 2.30
C ILE A 63 18.12 -20.62 3.54
N ALA A 64 19.41 -20.85 3.77
CA ALA A 64 19.86 -21.57 4.97
C ALA A 64 19.47 -20.81 6.24
N VAL A 65 19.56 -19.48 6.19
CA VAL A 65 19.11 -18.64 7.29
C VAL A 65 17.59 -18.71 7.45
N ASP A 66 16.86 -18.62 6.33
CA ASP A 66 15.40 -18.70 6.36
C ASP A 66 14.95 -20.03 6.96
N LYS A 67 15.63 -21.10 6.59
CA LYS A 67 15.34 -22.42 7.15
C LYS A 67 15.56 -22.43 8.66
N ALA A 68 16.65 -21.83 9.11
CA ALA A 68 16.95 -21.76 10.53
C ALA A 68 15.91 -20.91 11.25
N ASN A 69 15.54 -19.79 10.65
CA ASN A 69 14.56 -18.90 11.24
C ASN A 69 13.19 -19.55 11.32
N LEU A 70 12.84 -20.36 10.33
CA LEU A 70 11.56 -21.08 10.34
C LEU A 70 11.47 -22.00 11.56
N GLU A 71 12.53 -22.79 11.78
CA GLU A 71 12.58 -23.72 12.90
CA GLU A 71 12.57 -23.72 12.90
C GLU A 71 12.36 -22.98 14.22
N ILE A 72 12.99 -21.83 14.36
CA ILE A 72 12.89 -21.00 15.56
C ILE A 72 11.49 -20.42 15.75
N MET A 73 10.90 -19.90 14.67
CA MET A 73 9.56 -19.33 14.74
C MET A 73 8.47 -20.37 15.00
N THR A 74 8.62 -21.54 14.41
CA THR A 74 7.63 -22.60 14.56
C THR A 74 7.53 -23.01 16.04
N LYS A 75 8.67 -23.13 16.70
CA LYS A 75 8.70 -23.38 18.14
C LYS A 75 8.06 -22.24 18.93
N ARG A 76 8.45 -21.02 18.58
CA ARG A 76 7.99 -19.83 19.30
C ARG A 76 6.47 -19.64 19.22
N SER A 77 5.89 -19.96 18.08
CA SER A 77 4.46 -19.81 17.87
C SER A 77 3.67 -21.06 18.24
N ASN A 78 4.37 -22.01 18.87
CA ASN A 78 3.76 -23.27 19.31
C ASN A 78 3.17 -24.09 18.17
N TYR A 79 3.91 -24.14 17.07
CA TYR A 79 3.55 -24.96 15.92
C TYR A 79 2.19 -24.60 15.33
N THR A 80 1.89 -23.31 15.32
CA THR A 80 0.68 -22.81 14.68
C THR A 80 0.83 -22.88 13.15
N PRO A 81 -0.03 -23.67 12.49
CA PRO A 81 0.03 -23.84 11.03
C PRO A 81 -0.47 -22.63 10.28
N ILE A 82 0.02 -22.46 9.06
CA ILE A 82 -0.42 -21.36 8.20
C ILE A 82 -1.88 -21.63 7.80
N THR A 83 -2.64 -20.55 7.64
CA THR A 83 -4.00 -20.66 7.14
C THR A 83 -3.97 -20.64 5.61
N ASN A 84 -4.58 -21.64 4.98
CA ASN A 84 -4.66 -21.67 3.54
C ASN A 84 -5.52 -20.52 3.01
N VAL A 85 -4.99 -19.80 2.03
CA VAL A 85 -5.75 -18.82 1.28
C VAL A 85 -5.76 -19.25 -0.18
N PRO A 86 -6.92 -19.72 -0.68
CA PRO A 86 -7.09 -20.24 -2.05
C PRO A 86 -6.94 -19.15 -3.10
N PRO A 87 -6.43 -19.51 -4.30
CA PRO A 87 -6.14 -18.49 -5.31
C PRO A 87 -7.34 -18.05 -6.15
N GLU A 88 -7.21 -16.87 -6.77
CA GLU A 88 -8.09 -16.48 -7.87
C GLU A 88 -7.34 -16.83 -9.14
N VAL A 89 -8.07 -17.31 -10.14
CA VAL A 89 -7.45 -17.73 -11.38
C VAL A 89 -8.10 -17.00 -12.56
N THR A 90 -7.25 -16.54 -13.47
CA THR A 90 -7.73 -15.85 -14.66
C THR A 90 -6.99 -16.41 -15.89
N VAL A 91 -7.73 -16.79 -16.92
CA VAL A 91 -7.12 -17.21 -18.19
C VAL A 91 -7.37 -16.16 -19.27
N LEU A 92 -6.31 -15.82 -19.99
CA LEU A 92 -6.40 -14.80 -21.04
C LEU A 92 -5.34 -15.05 -22.11
N THR A 93 -5.40 -14.29 -23.19
CA THR A 93 -4.35 -14.39 -24.21
C THR A 93 -3.53 -13.12 -24.14
N ASN A 94 -2.29 -13.17 -24.60
CA ASN A 94 -1.46 -11.99 -24.49
C ASN A 94 -1.70 -11.03 -25.65
N SER A 95 -2.56 -11.43 -26.57
CA SER A 95 -2.93 -10.58 -27.69
C SER A 95 -4.24 -11.06 -28.28
N PRO A 96 -4.99 -10.15 -28.94
CA PRO A 96 -6.26 -10.52 -29.59
C PRO A 96 -6.11 -11.73 -30.50
N VAL A 97 -7.06 -12.63 -30.40
CA VAL A 97 -6.96 -13.91 -31.09
C VAL A 97 -7.39 -13.82 -32.54
N GLU A 98 -6.55 -14.36 -33.41
CA GLU A 98 -6.87 -14.47 -34.83
C GLU A 98 -6.67 -15.92 -35.25
N LEU A 99 -7.67 -16.51 -35.90
CA LEU A 99 -7.60 -17.91 -36.32
C LEU A 99 -6.30 -18.21 -37.06
N ARG A 100 -5.66 -19.32 -36.68
CA ARG A 100 -4.41 -19.79 -37.27
C ARG A 100 -3.24 -18.82 -37.12
N GLU A 101 -3.37 -17.85 -36.21
CA GLU A 101 -2.28 -16.95 -35.88
C GLU A 101 -1.73 -17.25 -34.50
N PRO A 102 -0.47 -17.71 -34.42
CA PRO A 102 0.17 -18.13 -33.17
C PRO A 102 -0.04 -17.13 -32.03
N ASN A 103 -0.47 -17.64 -30.88
CA ASN A 103 -0.80 -16.80 -29.73
C ASN A 103 -0.34 -17.52 -28.46
N VAL A 104 -0.51 -16.87 -27.31
CA VAL A 104 -0.10 -17.46 -26.04
C VAL A 104 -1.24 -17.36 -25.02
N LEU A 105 -1.64 -18.49 -24.46
CA LEU A 105 -2.58 -18.50 -23.35
C LEU A 105 -1.84 -18.23 -22.05
N ILE A 106 -2.45 -17.40 -21.20
CA ILE A 106 -1.87 -17.05 -19.92
C ILE A 106 -2.79 -17.47 -18.79
N CYS A 107 -2.26 -18.24 -17.84
CA CYS A 107 -3.01 -18.57 -16.64
C CYS A 107 -2.41 -17.84 -15.44
N PHE A 108 -3.15 -16.85 -14.93
CA PHE A 108 -2.68 -16.02 -13.82
C PHE A 108 -3.27 -16.49 -12.50
N ILE A 109 -2.42 -16.96 -11.59
CA ILE A 109 -2.85 -17.49 -10.31
C ILE A 109 -2.43 -16.50 -9.24
N ASP A 110 -3.39 -16.01 -8.46
CA ASP A 110 -3.19 -14.80 -7.67
C ASP A 110 -3.77 -14.88 -6.26
N LYS A 111 -3.19 -14.11 -5.34
CA LYS A 111 -3.71 -13.95 -3.98
C LYS A 111 -3.83 -15.26 -3.21
N PHE A 112 -2.78 -16.07 -3.20
CA PHE A 112 -2.85 -17.32 -2.47
C PHE A 112 -1.64 -17.55 -1.58
N THR A 113 -1.81 -18.46 -0.62
CA THR A 113 -0.72 -18.92 0.23
C THR A 113 -1.21 -20.21 0.88
N PRO A 114 -0.29 -21.14 1.20
CA PRO A 114 1.17 -21.13 0.97
C PRO A 114 1.54 -21.21 -0.50
N PRO A 115 2.80 -20.86 -0.84
CA PRO A 115 3.24 -20.92 -2.25
C PRO A 115 3.46 -22.35 -2.74
N VAL A 116 2.38 -23.12 -2.83
CA VAL A 116 2.41 -24.45 -3.43
C VAL A 116 1.16 -24.61 -4.26
N VAL A 117 1.32 -25.04 -5.50
CA VAL A 117 0.19 -25.16 -6.40
C VAL A 117 0.44 -26.25 -7.44
N ASN A 118 -0.62 -26.91 -7.90
CA ASN A 118 -0.52 -27.83 -9.02
C ASN A 118 -1.29 -27.27 -10.18
N VAL A 119 -0.58 -27.00 -11.28
CA VAL A 119 -1.20 -26.38 -12.45
C VAL A 119 -1.13 -27.30 -13.66
N THR A 120 -2.25 -27.50 -14.33
CA THR A 120 -2.31 -28.31 -15.54
C THR A 120 -3.04 -27.57 -16.64
N TRP A 121 -2.43 -27.50 -17.82
CA TRP A 121 -3.15 -27.01 -19.00
C TRP A 121 -3.92 -28.15 -19.64
N LEU A 122 -5.18 -27.87 -19.99
CA LEU A 122 -6.01 -28.85 -20.67
C LEU A 122 -6.44 -28.36 -22.04
N ARG A 123 -6.20 -29.16 -23.07
CA ARG A 123 -6.79 -28.91 -24.39
C ARG A 123 -7.84 -29.98 -24.69
N ASN A 124 -9.08 -29.52 -24.81
CA ASN A 124 -10.24 -30.40 -24.99
C ASN A 124 -10.27 -31.46 -23.90
N GLY A 125 -9.96 -31.05 -22.68
CA GLY A 125 -10.01 -31.94 -21.54
C GLY A 125 -8.79 -32.83 -21.34
N LYS A 126 -7.81 -32.73 -22.25
CA LYS A 126 -6.61 -33.57 -22.15
C LYS A 126 -5.41 -32.75 -21.71
N PRO A 127 -4.61 -33.27 -20.77
CA PRO A 127 -3.42 -32.55 -20.31
C PRO A 127 -2.42 -32.32 -21.44
N VAL A 128 -1.94 -31.09 -21.56
CA VAL A 128 -0.96 -30.76 -22.58
C VAL A 128 0.26 -30.11 -21.92
N THR A 129 1.44 -30.53 -22.33
CA THR A 129 2.69 -30.04 -21.72
C THR A 129 3.67 -29.49 -22.76
N THR A 130 3.30 -29.56 -24.03
CA THR A 130 4.23 -29.14 -25.08
C THR A 130 4.32 -27.63 -25.14
N GLY A 131 5.55 -27.13 -24.95
CA GLY A 131 5.81 -25.72 -25.05
C GLY A 131 5.37 -24.90 -23.84
N VAL A 132 4.86 -25.56 -22.80
CA VAL A 132 4.39 -24.83 -21.62
C VAL A 132 5.57 -24.26 -20.85
N SER A 133 5.31 -23.20 -20.11
CA SER A 133 6.32 -22.61 -19.23
C SER A 133 5.62 -21.95 -18.06
N GLU A 134 6.41 -21.53 -17.07
CA GLU A 134 5.83 -20.97 -15.86
C GLU A 134 6.83 -20.09 -15.14
N THR A 135 6.32 -19.22 -14.26
CA THR A 135 7.17 -18.42 -13.40
C THR A 135 7.26 -19.07 -12.03
N VAL A 136 8.20 -18.62 -11.22
CA VAL A 136 8.22 -18.99 -9.81
C VAL A 136 7.15 -18.19 -9.06
N PHE A 137 7.09 -18.32 -7.74
CA PHE A 137 6.09 -17.59 -6.97
C PHE A 137 6.52 -16.14 -6.79
N LEU A 138 5.67 -15.22 -7.19
CA LEU A 138 6.00 -13.80 -7.18
C LEU A 138 5.34 -13.11 -5.98
N PRO A 139 6.00 -12.07 -5.44
CA PRO A 139 5.51 -11.40 -4.22
C PRO A 139 4.36 -10.43 -4.48
N ARG A 140 3.61 -10.13 -3.42
CA ARG A 140 2.56 -9.13 -3.46
C ARG A 140 2.74 -8.21 -2.28
N GLU A 141 2.08 -7.05 -2.30
CA GLU A 141 2.15 -6.12 -1.19
C GLU A 141 1.39 -6.63 0.05
N ASP A 142 0.42 -7.51 -0.17
CA ASP A 142 -0.30 -8.12 0.96
C ASP A 142 0.31 -9.46 1.36
N HIS A 143 1.48 -9.75 0.78
CA HIS A 143 2.32 -10.88 1.14
C HIS A 143 1.70 -12.25 0.81
N LEU A 144 0.63 -12.22 0.01
CA LEU A 144 0.16 -13.40 -0.68
C LEU A 144 1.04 -13.56 -1.92
N PHE A 145 0.79 -14.57 -2.74
CA PHE A 145 1.67 -14.83 -3.89
C PHE A 145 0.92 -14.81 -5.21
N ARG A 146 1.67 -14.69 -6.30
CA ARG A 146 1.08 -14.86 -7.62
C ARG A 146 2.02 -15.71 -8.47
N LYS A 147 1.49 -16.20 -9.58
CA LYS A 147 2.22 -17.13 -10.42
C LYS A 147 1.63 -17.10 -11.84
N PHE A 148 2.49 -17.24 -12.84
CA PHE A 148 2.03 -17.22 -14.23
C PHE A 148 2.37 -18.52 -14.92
N HIS A 149 1.42 -19.06 -15.68
CA HIS A 149 1.69 -20.21 -16.52
C HIS A 149 1.33 -19.85 -17.96
N TYR A 150 2.11 -20.36 -18.92
CA TYR A 150 1.93 -20.01 -20.31
C TYR A 150 1.76 -21.24 -21.20
N LEU A 151 0.94 -21.10 -22.22
CA LEU A 151 0.76 -22.15 -23.23
C LEU A 151 0.62 -21.52 -24.61
N PRO A 152 1.70 -21.58 -25.41
CA PRO A 152 1.63 -21.17 -26.81
C PRO A 152 0.67 -22.06 -27.57
N PHE A 153 -0.10 -21.49 -28.48
CA PHE A 153 -1.10 -22.28 -29.19
C PHE A 153 -1.51 -21.68 -30.53
N LEU A 154 -2.03 -22.53 -31.39
CA LEU A 154 -2.58 -22.10 -32.67
C LEU A 154 -4.09 -22.06 -32.56
N PRO A 155 -4.66 -20.86 -32.52
CA PRO A 155 -6.10 -20.62 -32.34
C PRO A 155 -6.94 -21.34 -33.38
N SER A 156 -7.98 -22.04 -32.93
CA SER A 156 -8.90 -22.70 -33.85
C SER A 156 -10.29 -22.73 -33.24
N THR A 157 -11.29 -22.97 -34.08
CA THR A 157 -12.67 -23.00 -33.61
C THR A 157 -13.02 -24.37 -33.01
N GLU A 158 -12.09 -25.32 -33.13
CA GLU A 158 -12.35 -26.69 -32.72
C GLU A 158 -11.52 -27.12 -31.51
N ASP A 159 -10.98 -26.13 -30.80
CA ASP A 159 -10.16 -26.42 -29.63
C ASP A 159 -10.57 -25.54 -28.47
N VAL A 160 -10.81 -26.15 -27.32
CA VAL A 160 -11.06 -25.38 -26.11
C VAL A 160 -9.94 -25.65 -25.10
N TYR A 161 -9.76 -24.69 -24.19
CA TYR A 161 -8.69 -24.80 -23.21
C TYR A 161 -9.19 -24.54 -21.80
N ASP A 162 -8.49 -25.14 -20.85
CA ASP A 162 -8.74 -24.92 -19.44
C ASP A 162 -7.40 -24.84 -18.73
N CYS A 163 -7.29 -23.94 -17.77
CA CYS A 163 -6.20 -23.97 -16.81
C CYS A 163 -6.76 -24.58 -15.53
N ARG A 164 -6.18 -25.69 -15.09
CA ARG A 164 -6.66 -26.35 -13.88
C ARG A 164 -5.70 -26.13 -12.74
N VAL A 165 -6.22 -25.58 -11.65
CA VAL A 165 -5.37 -25.20 -10.52
C VAL A 165 -5.76 -25.92 -9.22
N GLU A 166 -4.79 -26.60 -8.61
CA GLU A 166 -5.01 -27.27 -7.34
C GLU A 166 -4.29 -26.55 -6.21
N HIS A 167 -4.99 -26.31 -5.10
CA HIS A 167 -4.40 -25.65 -3.95
C HIS A 167 -5.09 -26.18 -2.69
N TRP A 168 -4.34 -26.30 -1.59
CA TRP A 168 -4.89 -26.87 -0.36
C TRP A 168 -6.05 -26.05 0.21
N GLY A 169 -6.17 -24.81 -0.23
CA GLY A 169 -7.29 -23.97 0.18
C GLY A 169 -8.56 -24.23 -0.63
N LEU A 170 -8.46 -25.05 -1.67
CA LEU A 170 -9.60 -25.37 -2.53
C LEU A 170 -10.20 -26.74 -2.22
N ASP A 171 -11.54 -26.81 -2.21
CA ASP A 171 -12.22 -28.07 -1.98
C ASP A 171 -12.12 -28.98 -3.19
N GLU A 172 -12.11 -28.37 -4.36
CA GLU A 172 -12.00 -29.08 -5.63
C GLU A 172 -11.11 -28.27 -6.56
N PRO A 173 -10.50 -28.92 -7.57
CA PRO A 173 -9.67 -28.18 -8.52
C PRO A 173 -10.46 -27.04 -9.17
N LEU A 174 -9.78 -25.91 -9.42
CA LEU A 174 -10.42 -24.77 -10.04
C LEU A 174 -10.04 -24.73 -11.52
N LEU A 175 -11.04 -24.77 -12.40
CA LEU A 175 -10.79 -24.71 -13.84
C LEU A 175 -11.27 -23.39 -14.45
N LYS A 176 -10.36 -22.74 -15.16
CA LYS A 176 -10.70 -21.53 -15.88
C LYS A 176 -10.63 -21.80 -17.38
N HIS A 177 -11.71 -21.46 -18.07
CA HIS A 177 -11.91 -21.87 -19.44
C HIS A 177 -11.50 -20.81 -20.47
N TRP A 178 -11.12 -21.27 -21.67
CA TRP A 178 -10.96 -20.38 -22.82
C TRP A 178 -11.43 -21.10 -24.08
N GLU A 179 -12.11 -20.35 -24.94
CA GLU A 179 -12.53 -20.85 -26.24
C GLU A 179 -12.64 -19.65 -27.17
N PHE A 180 -12.64 -19.92 -28.48
CA PHE A 180 -12.67 -18.84 -29.47
C PHE A 180 -13.93 -17.97 -29.36
N ASP A 181 -13.73 -16.66 -29.31
CA ASP A 181 -14.80 -15.67 -29.15
C ASP A 181 -15.38 -15.23 -30.50
N THR A 182 -16.70 -15.24 -30.60
CA THR A 182 -17.38 -14.87 -31.84
C THR A 182 -17.45 -13.35 -32.00
N ASP B 4 -2.51 -34.20 0.72
CA ASP B 4 -1.64 -33.84 1.83
C ASP B 4 -2.31 -32.79 2.70
N THR B 5 -2.67 -33.18 3.92
CA THR B 5 -3.34 -32.27 4.85
C THR B 5 -2.44 -31.94 6.04
N ARG B 6 -1.15 -32.25 5.91
CA ARG B 6 -0.17 -31.89 6.93
C ARG B 6 -0.10 -30.37 7.07
N PRO B 7 0.08 -29.88 8.31
CA PRO B 7 0.19 -28.44 8.53
C PRO B 7 1.43 -27.87 7.84
N ARG B 8 1.34 -26.65 7.33
CA ARG B 8 2.47 -25.99 6.69
C ARG B 8 2.99 -24.84 7.53
N PHE B 9 4.28 -24.56 7.43
CA PHE B 9 4.91 -23.48 8.18
C PHE B 9 5.81 -22.70 7.23
N LEU B 10 5.52 -21.41 7.08
CA LEU B 10 6.18 -20.60 6.06
C LEU B 10 6.99 -19.47 6.67
N GLU B 11 8.27 -19.41 6.31
CA GLU B 11 9.13 -18.31 6.74
C GLU B 11 9.43 -17.45 5.53
N TYR B 12 9.14 -16.17 5.62
CA TYR B 12 9.21 -15.28 4.46
C TYR B 12 9.89 -13.98 4.83
N SER B 13 10.66 -13.43 3.90
CA SER B 13 11.39 -12.19 4.17
C SER B 13 11.57 -11.38 2.90
N THR B 14 11.49 -10.06 3.03
CA THR B 14 11.73 -9.17 1.93
C THR B 14 12.78 -8.14 2.32
N SER B 15 13.59 -7.74 1.35
CA SER B 15 14.47 -6.60 1.51
C SER B 15 14.10 -5.64 0.40
N GLU B 16 13.54 -4.50 0.78
CA GLU B 16 12.90 -3.59 -0.15
C GLU B 16 13.67 -2.28 -0.30
N CYS B 17 13.84 -1.86 -1.55
CA CYS B 17 14.46 -0.58 -1.85
C CYS B 17 13.48 0.33 -2.57
N HIS B 18 13.14 1.46 -1.94
CA HIS B 18 12.15 2.39 -2.47
C HIS B 18 12.85 3.65 -2.98
N PHE B 19 12.70 3.92 -4.27
CA PHE B 19 13.41 5.02 -4.93
C PHE B 19 12.49 6.19 -5.28
N PHE B 20 12.94 7.39 -4.95
CA PHE B 20 12.22 8.62 -5.27
C PHE B 20 13.14 9.56 -6.03
N ASN B 21 12.67 10.09 -7.17
CA ASN B 21 13.45 11.02 -7.97
C ASN B 21 14.82 10.44 -8.33
N GLY B 22 14.83 9.37 -9.09
CA GLY B 22 16.05 8.64 -9.37
C GLY B 22 16.55 7.99 -8.09
N THR B 23 17.80 8.24 -7.74
CA THR B 23 18.36 7.74 -6.50
C THR B 23 18.63 8.88 -5.53
N GLU B 24 17.95 10.00 -5.74
CA GLU B 24 18.12 11.17 -4.88
C GLU B 24 17.56 10.89 -3.48
N ARG B 25 16.41 10.21 -3.42
CA ARG B 25 15.83 9.81 -2.15
C ARG B 25 15.59 8.30 -2.15
N VAL B 26 16.17 7.61 -1.17
CA VAL B 26 16.05 6.15 -1.13
C VAL B 26 15.68 5.68 0.28
N ARG B 27 14.75 4.74 0.34
CA ARG B 27 14.36 4.15 1.62
C ARG B 27 14.49 2.64 1.58
N PHE B 28 15.13 2.09 2.61
CA PHE B 28 15.34 0.64 2.69
C PHE B 28 14.52 0.01 3.81
N LEU B 29 13.82 -1.07 3.48
CA LEU B 29 13.01 -1.81 4.44
C LEU B 29 13.34 -3.28 4.40
N GLU B 30 13.72 -3.85 5.55
CA GLU B 30 13.89 -5.30 5.67
C GLU B 30 12.77 -5.83 6.54
N ARG B 31 12.04 -6.81 6.04
CA ARG B 31 10.84 -7.29 6.72
C ARG B 31 10.87 -8.80 6.89
N TYR B 32 10.56 -9.28 8.09
CA TYR B 32 10.53 -10.72 8.37
C TYR B 32 9.12 -11.16 8.71
N PHE B 33 8.68 -12.26 8.10
CA PHE B 33 7.30 -12.75 8.24
C PHE B 33 7.28 -14.21 8.68
N HIS B 34 6.22 -14.61 9.36
CA HIS B 34 5.98 -16.02 9.67
C HIS B 34 4.49 -16.32 9.48
N ASN B 35 4.19 -17.29 8.61
CA ASN B 35 2.81 -17.61 8.28
C ASN B 35 1.98 -16.35 7.95
N GLN B 36 2.49 -15.53 7.05
CA GLN B 36 1.80 -14.31 6.57
C GLN B 36 1.76 -13.17 7.57
N GLU B 37 2.29 -13.38 8.77
CA GLU B 37 2.31 -12.32 9.78
C GLU B 37 3.68 -11.67 9.83
N GLU B 38 3.74 -10.38 9.54
CA GLU B 38 4.99 -9.64 9.69
C GLU B 38 5.24 -9.43 11.17
N ASN B 39 6.41 -9.81 11.68
CA ASN B 39 6.63 -9.63 13.12
C ASN B 39 7.81 -8.73 13.50
N VAL B 40 8.71 -8.47 12.55
CA VAL B 40 9.82 -7.55 12.83
C VAL B 40 10.32 -6.90 11.55
N ARG B 41 10.77 -5.65 11.65
CA ARG B 41 11.29 -4.95 10.47
C ARG B 41 12.41 -3.96 10.80
N PHE B 42 13.27 -3.72 9.81
CA PHE B 42 14.21 -2.60 9.83
C PHE B 42 13.74 -1.56 8.81
N ASP B 43 13.59 -0.32 9.25
CA ASP B 43 13.21 0.81 8.39
C ASP B 43 14.34 1.84 8.44
N SER B 44 14.94 2.14 7.29
CA SER B 44 16.08 3.06 7.26
C SER B 44 15.68 4.45 7.75
N ASP B 45 14.37 4.71 7.78
CA ASP B 45 13.87 5.97 8.37
C ASP B 45 14.14 6.01 9.87
N VAL B 46 14.24 4.83 10.48
CA VAL B 46 14.41 4.69 11.93
C VAL B 46 15.84 4.36 12.32
N GLY B 47 16.45 3.42 11.58
CA GLY B 47 17.84 3.06 11.80
C GLY B 47 18.03 1.94 12.82
N GLU B 48 16.94 1.33 13.23
CA GLU B 48 16.98 0.20 14.15
C GLU B 48 15.83 -0.74 13.84
N TYR B 49 15.92 -1.98 14.31
CA TYR B 49 14.80 -2.91 14.18
C TYR B 49 13.67 -2.56 15.13
N ARG B 50 12.44 -2.79 14.69
CA ARG B 50 11.27 -2.60 15.55
C ARG B 50 10.36 -3.81 15.44
N ALA B 51 9.86 -4.28 16.58
CA ALA B 51 8.89 -5.37 16.58
C ALA B 51 7.58 -4.89 15.96
N VAL B 52 7.03 -5.68 15.04
CA VAL B 52 5.74 -5.38 14.45
C VAL B 52 4.68 -6.05 15.30
N THR B 53 5.00 -7.25 15.80
CA THR B 53 4.14 -7.95 16.75
C THR B 53 5.00 -8.49 17.90
N GLU B 54 4.34 -8.93 18.97
CA GLU B 54 5.03 -9.43 20.16
C GLU B 54 5.97 -10.59 19.83
N LEU B 55 5.57 -11.41 18.86
CA LEU B 55 6.36 -12.57 18.46
C LEU B 55 7.72 -12.17 17.87
N GLY B 56 7.83 -10.94 17.41
CA GLY B 56 9.08 -10.46 16.84
C GLY B 56 9.94 -9.67 17.81
N ARG B 57 9.41 -9.37 18.99
CA ARG B 57 10.12 -8.61 20.02
C ARG B 57 11.50 -9.19 20.39
N PRO B 58 11.62 -10.52 20.57
CA PRO B 58 12.95 -11.05 20.91
C PRO B 58 14.02 -10.77 19.86
N ASP B 59 13.60 -10.72 18.60
CA ASP B 59 14.55 -10.55 17.50
C ASP B 59 14.93 -9.08 17.31
N ALA B 60 13.96 -8.18 17.46
CA ALA B 60 14.24 -6.75 17.40
C ALA B 60 15.30 -6.37 18.46
N GLU B 61 15.10 -6.85 19.67
CA GLU B 61 16.05 -6.59 20.75
C GLU B 61 17.40 -7.25 20.51
N TYR B 62 17.37 -8.51 20.08
CA TYR B 62 18.59 -9.25 19.79
C TYR B 62 19.37 -8.56 18.66
N TRP B 63 18.68 -8.24 17.58
CA TRP B 63 19.35 -7.65 16.43
C TRP B 63 19.83 -6.23 16.69
N ASN B 64 19.10 -5.47 17.51
CA ASN B 64 19.55 -4.11 17.85
C ASN B 64 20.76 -4.11 18.78
N SER B 65 21.11 -5.26 19.35
CA SER B 65 22.30 -5.35 20.21
C SER B 65 23.53 -5.69 19.39
N GLN B 66 23.34 -5.91 18.10
CA GLN B 66 24.45 -6.24 17.20
C GLN B 66 24.81 -5.03 16.35
N LYS B 67 25.82 -4.29 16.80
CA LYS B 67 26.19 -3.03 16.17
C LYS B 67 26.63 -3.23 14.72
N ASP B 68 27.29 -4.35 14.44
CA ASP B 68 27.78 -4.61 13.10
C ASP B 68 26.61 -4.85 12.14
N LEU B 69 25.60 -5.57 12.61
CA LEU B 69 24.41 -5.81 11.80
C LEU B 69 23.70 -4.49 11.51
N LEU B 70 23.54 -3.66 12.55
CA LEU B 70 22.85 -2.37 12.38
C LEU B 70 23.56 -1.47 11.38
N GLU B 71 24.88 -1.43 11.43
CA GLU B 71 25.60 -0.53 10.53
C GLU B 71 25.60 -1.06 9.11
N GLN B 72 25.49 -2.37 8.95
CA GLN B 72 25.25 -2.97 7.63
C GLN B 72 23.93 -2.47 7.07
N ARG B 73 22.89 -2.52 7.89
CA ARG B 73 21.55 -2.10 7.48
C ARG B 73 21.45 -0.59 7.27
N ARG B 74 22.19 0.19 8.07
CA ARG B 74 22.16 1.65 7.92
C ARG B 74 22.83 2.12 6.64
N ALA B 75 23.75 1.31 6.12
CA ALA B 75 24.46 1.66 4.90
C ALA B 75 23.79 1.06 3.66
N ALA B 76 22.77 0.22 3.88
CA ALA B 76 22.14 -0.53 2.80
C ALA B 76 21.57 0.34 1.67
N VAL B 77 21.03 1.51 1.99
CA VAL B 77 20.50 2.40 0.95
C VAL B 77 21.58 2.75 -0.07
N ASP B 78 22.84 2.76 0.36
CA ASP B 78 23.96 3.02 -0.56
C ASP B 78 24.54 1.74 -1.15
N THR B 79 24.97 0.83 -0.29
CA THR B 79 25.71 -0.36 -0.71
C THR B 79 24.83 -1.40 -1.38
N TYR B 80 23.54 -1.33 -1.12
CA TYR B 80 22.60 -2.34 -1.61
C TYR B 80 21.58 -1.74 -2.58
N CYS B 81 20.81 -0.77 -2.09
CA CYS B 81 19.76 -0.16 -2.90
C CYS B 81 20.31 0.62 -4.10
N ARG B 82 21.07 1.67 -3.83
CA ARG B 82 21.60 2.49 -4.91
C ARG B 82 22.48 1.66 -5.83
N HIS B 83 23.21 0.72 -5.26
CA HIS B 83 24.07 -0.15 -6.07
C HIS B 83 23.27 -1.00 -7.05
N ASN B 84 22.28 -1.73 -6.54
CA ASN B 84 21.47 -2.59 -7.39
C ASN B 84 20.65 -1.80 -8.42
N TYR B 85 20.24 -0.59 -8.06
CA TYR B 85 19.55 0.30 -8.99
C TYR B 85 20.42 0.59 -10.21
N GLY B 86 21.68 0.92 -9.94
CA GLY B 86 22.64 1.19 -11.00
C GLY B 86 22.90 -0.04 -11.85
N VAL B 87 22.94 -1.21 -11.22
CA VAL B 87 23.24 -2.45 -11.92
C VAL B 87 22.24 -2.74 -13.05
N GLY B 88 20.95 -2.56 -12.80
CA GLY B 88 19.95 -2.94 -13.77
C GLY B 88 19.24 -1.79 -14.45
N GLU B 89 19.77 -0.58 -14.28
CA GLU B 89 19.10 0.63 -14.74
C GLU B 89 18.77 0.63 -16.24
N SER B 90 19.69 0.14 -17.06
CA SER B 90 19.54 0.21 -18.51
C SER B 90 18.40 -0.66 -19.05
N PHE B 91 18.09 -1.75 -18.35
CA PHE B 91 17.07 -2.67 -18.85
C PHE B 91 15.84 -2.78 -17.94
N THR B 92 15.74 -1.90 -16.94
CA THR B 92 14.56 -1.87 -16.09
C THR B 92 13.95 -0.47 -16.08
N VAL B 93 14.65 0.46 -15.44
CA VAL B 93 14.19 1.85 -15.35
C VAL B 93 14.05 2.50 -16.75
N GLN B 94 14.98 2.20 -17.65
CA GLN B 94 14.95 2.75 -19.01
C GLN B 94 14.28 1.82 -20.01
N ARG B 95 13.67 0.75 -19.51
CA ARG B 95 12.96 -0.15 -20.42
C ARG B 95 11.73 0.54 -20.99
N ARG B 96 11.63 0.56 -22.31
CA ARG B 96 10.47 1.15 -22.98
C ARG B 96 10.04 0.28 -24.13
N VAL B 97 8.83 -0.26 -24.07
CA VAL B 97 8.30 -1.05 -25.18
C VAL B 97 7.01 -0.44 -25.72
N HIS B 98 7.03 -0.15 -27.02
CA HIS B 98 5.92 0.48 -27.74
C HIS B 98 4.68 -0.40 -27.68
N PRO B 99 3.52 0.22 -27.46
CA PRO B 99 2.28 -0.57 -27.49
C PRO B 99 1.85 -0.94 -28.91
N LYS B 100 1.22 -2.11 -29.02
CA LYS B 100 0.52 -2.48 -30.25
C LYS B 100 -0.95 -2.12 -30.06
N VAL B 101 -1.49 -1.36 -31.00
CA VAL B 101 -2.86 -0.88 -30.87
C VAL B 101 -3.74 -1.36 -32.01
N THR B 102 -4.80 -2.09 -31.69
CA THR B 102 -5.78 -2.50 -32.70
C THR B 102 -7.20 -2.25 -32.22
N VAL B 103 -8.11 -2.06 -33.17
CA VAL B 103 -9.52 -1.87 -32.85
C VAL B 103 -10.38 -2.88 -33.59
N TYR B 104 -11.26 -3.56 -32.86
CA TYR B 104 -12.17 -4.52 -33.47
C TYR B 104 -13.54 -4.45 -32.80
N PRO B 105 -14.61 -4.73 -33.57
CA PRO B 105 -15.98 -4.64 -33.05
C PRO B 105 -16.37 -5.89 -32.29
N SER B 106 -17.27 -5.72 -31.31
CA SER B 106 -17.77 -6.83 -30.54
C SER B 106 -19.24 -6.65 -30.19
N LYS B 107 -19.72 -7.44 -29.25
CA LYS B 107 -21.13 -7.42 -28.85
C LYS B 107 -21.26 -7.54 -27.33
N THR B 108 -22.22 -6.83 -26.76
CA THR B 108 -22.45 -6.88 -25.32
C THR B 108 -23.08 -8.21 -24.91
N GLN B 109 -23.72 -8.86 -25.88
CA GLN B 109 -24.31 -10.17 -25.69
C GLN B 109 -24.56 -10.78 -27.06
N PRO B 110 -24.58 -12.12 -27.15
CA PRO B 110 -24.93 -12.75 -28.44
C PRO B 110 -26.34 -12.36 -28.88
N LEU B 111 -26.59 -12.42 -30.19
CA LEU B 111 -27.86 -12.02 -30.80
C LEU B 111 -28.02 -10.51 -30.81
N GLN B 112 -26.90 -9.81 -30.65
CA GLN B 112 -26.88 -8.35 -30.70
C GLN B 112 -26.18 -7.88 -31.97
N HIS B 113 -26.52 -6.68 -32.44
CA HIS B 113 -25.75 -6.04 -33.49
C HIS B 113 -24.43 -5.59 -32.87
N HIS B 114 -23.43 -5.30 -33.69
CA HIS B 114 -22.14 -4.83 -33.20
C HIS B 114 -22.31 -3.55 -32.40
N ASN B 115 -22.33 -3.66 -31.08
CA ASN B 115 -22.58 -2.50 -30.24
C ASN B 115 -21.48 -2.31 -29.18
N LEU B 116 -20.30 -2.83 -29.48
CA LEU B 116 -19.18 -2.73 -28.58
C LEU B 116 -17.89 -2.59 -29.37
N LEU B 117 -17.19 -1.47 -29.19
CA LEU B 117 -15.92 -1.26 -29.86
C LEU B 117 -14.76 -1.51 -28.90
N VAL B 118 -13.88 -2.44 -29.25
CA VAL B 118 -12.77 -2.79 -28.39
C VAL B 118 -11.46 -2.19 -28.88
N CYS B 119 -10.84 -1.35 -28.04
CA CYS B 119 -9.51 -0.88 -28.36
C CYS B 119 -8.51 -1.72 -27.57
N SER B 120 -7.81 -2.60 -28.27
CA SER B 120 -6.80 -3.44 -27.64
C SER B 120 -5.44 -2.75 -27.66
N VAL B 121 -4.84 -2.60 -26.48
CA VAL B 121 -3.52 -2.01 -26.36
C VAL B 121 -2.63 -3.03 -25.68
N SER B 122 -1.64 -3.57 -26.39
CA SER B 122 -0.89 -4.70 -25.83
C SER B 122 0.61 -4.65 -26.03
N GLY B 123 1.30 -5.45 -25.22
CA GLY B 123 2.74 -5.64 -25.31
C GLY B 123 3.60 -4.49 -24.84
N PHE B 124 3.05 -3.57 -24.05
CA PHE B 124 3.80 -2.37 -23.69
C PHE B 124 4.48 -2.44 -22.31
N TYR B 125 5.48 -1.58 -22.14
CA TYR B 125 6.18 -1.40 -20.86
C TYR B 125 6.75 0.01 -20.80
N PRO B 126 6.63 0.70 -19.66
CA PRO B 126 6.05 0.31 -18.37
C PRO B 126 4.53 0.25 -18.39
N GLY B 127 3.90 -0.01 -17.24
CA GLY B 127 2.46 -0.23 -17.21
C GLY B 127 1.57 1.01 -17.27
N SER B 128 2.15 2.18 -17.06
CA SER B 128 1.36 3.40 -17.15
C SER B 128 0.88 3.66 -18.58
N ILE B 129 -0.43 3.77 -18.74
CA ILE B 129 -1.04 3.94 -20.05
C ILE B 129 -2.29 4.81 -19.92
N GLU B 130 -2.66 5.50 -20.99
CA GLU B 130 -3.89 6.27 -21.02
C GLU B 130 -4.60 6.08 -22.36
N VAL B 131 -5.83 5.59 -22.30
CA VAL B 131 -6.57 5.24 -23.52
C VAL B 131 -7.92 5.95 -23.54
N ARG B 132 -8.19 6.70 -24.61
CA ARG B 132 -9.46 7.42 -24.71
C ARG B 132 -10.15 7.18 -26.04
N TRP B 133 -11.46 7.29 -26.04
CA TRP B 133 -12.27 7.11 -27.24
C TRP B 133 -12.78 8.43 -27.78
N PHE B 134 -12.80 8.55 -29.10
CA PHE B 134 -13.37 9.72 -29.75
C PHE B 134 -14.34 9.28 -30.84
N ARG B 135 -15.38 10.07 -31.05
CA ARG B 135 -16.27 9.85 -32.18
C ARG B 135 -16.41 11.16 -32.92
N ASN B 136 -16.00 11.15 -34.19
CA ASN B 136 -15.98 12.35 -35.03
C ASN B 136 -15.31 13.52 -34.31
N GLY B 137 -14.10 13.28 -33.81
CA GLY B 137 -13.29 14.32 -33.20
C GLY B 137 -13.74 14.81 -31.83
N GLN B 138 -14.72 14.14 -31.25
CA GLN B 138 -15.22 14.48 -29.92
C GLN B 138 -15.01 13.32 -28.95
N GLU B 139 -14.47 13.61 -27.78
CA GLU B 139 -14.19 12.56 -26.81
C GLU B 139 -15.45 11.90 -26.29
N GLU B 140 -15.41 10.58 -26.21
CA GLU B 140 -16.51 9.79 -25.65
C GLU B 140 -16.16 9.38 -24.24
N LYS B 141 -16.87 9.94 -23.26
CA LYS B 141 -16.56 9.65 -21.86
C LYS B 141 -17.58 8.72 -21.20
N THR B 142 -18.70 8.46 -21.88
CA THR B 142 -19.73 7.59 -21.31
C THR B 142 -19.76 6.24 -22.02
N GLY B 143 -20.14 5.21 -21.28
CA GLY B 143 -20.21 3.87 -21.83
C GLY B 143 -18.83 3.29 -22.07
N VAL B 144 -17.83 3.78 -21.35
CA VAL B 144 -16.49 3.23 -21.48
C VAL B 144 -16.21 2.26 -20.34
N VAL B 145 -15.84 1.04 -20.70
CA VAL B 145 -15.50 0.02 -19.72
C VAL B 145 -14.19 -0.62 -20.12
N SER B 146 -13.39 -1.04 -19.14
CA SER B 146 -12.08 -1.61 -19.44
C SER B 146 -11.74 -2.80 -18.54
N THR B 147 -10.80 -3.62 -19.01
CA THR B 147 -10.24 -4.69 -18.18
C THR B 147 -9.44 -4.12 -17.03
N GLY B 148 -9.07 -2.85 -17.14
CA GLY B 148 -8.08 -2.27 -16.25
C GLY B 148 -6.72 -2.68 -16.76
N LEU B 149 -5.66 -2.32 -16.04
CA LEU B 149 -4.31 -2.69 -16.47
C LEU B 149 -4.02 -4.15 -16.19
N ILE B 150 -3.66 -4.90 -17.22
CA ILE B 150 -3.36 -6.31 -17.09
C ILE B 150 -1.85 -6.57 -17.19
N HIS B 151 -1.30 -7.25 -16.19
CA HIS B 151 0.10 -7.64 -16.20
C HIS B 151 0.26 -9.04 -16.81
N ASN B 152 1.14 -9.20 -17.79
CA ASN B 152 1.32 -10.51 -18.43
C ASN B 152 2.39 -11.35 -17.76
N GLY B 153 3.08 -10.76 -16.78
CA GLY B 153 4.08 -11.47 -16.00
C GLY B 153 5.43 -11.63 -16.67
N ASP B 154 5.62 -10.93 -17.79
CA ASP B 154 6.80 -11.10 -18.61
C ASP B 154 7.38 -9.76 -19.06
N TRP B 155 7.30 -8.76 -18.18
CA TRP B 155 7.78 -7.42 -18.48
C TRP B 155 7.00 -6.79 -19.65
N THR B 156 5.75 -7.19 -19.82
CA THR B 156 4.83 -6.51 -20.73
C THR B 156 3.45 -6.42 -20.08
N PHE B 157 2.66 -5.45 -20.53
CA PHE B 157 1.31 -5.24 -20.03
C PHE B 157 0.34 -5.20 -21.21
N GLN B 158 -0.96 -5.27 -20.93
CA GLN B 158 -1.98 -5.04 -21.95
C GLN B 158 -3.23 -4.48 -21.31
N THR B 159 -4.11 -3.94 -22.14
CA THR B 159 -5.43 -3.54 -21.67
C THR B 159 -6.41 -3.56 -22.83
N LEU B 160 -7.68 -3.76 -22.49
CA LEU B 160 -8.77 -3.64 -23.44
C LEU B 160 -9.65 -2.50 -22.95
N VAL B 161 -9.85 -1.50 -23.80
CA VAL B 161 -10.74 -0.39 -23.44
C VAL B 161 -11.90 -0.37 -24.42
N MET B 162 -13.09 -0.62 -23.90
CA MET B 162 -14.26 -0.86 -24.73
C MET B 162 -15.27 0.28 -24.66
N LEU B 163 -15.88 0.56 -25.81
CA LEU B 163 -16.88 1.61 -25.90
C LEU B 163 -18.24 1.03 -26.27
N GLU B 164 -19.20 1.18 -25.37
CA GLU B 164 -20.58 0.76 -25.63
C GLU B 164 -21.24 1.81 -26.52
N THR B 165 -21.56 1.46 -27.75
CA THR B 165 -22.07 2.44 -28.69
C THR B 165 -22.88 1.78 -29.81
N VAL B 166 -23.73 2.57 -30.47
CA VAL B 166 -24.48 2.07 -31.62
C VAL B 166 -24.02 2.81 -32.86
N PRO B 167 -23.06 2.23 -33.59
CA PRO B 167 -22.47 2.83 -34.79
C PRO B 167 -23.50 3.10 -35.87
N ARG B 168 -23.44 4.32 -36.41
CA ARG B 168 -24.25 4.71 -37.55
C ARG B 168 -23.38 4.75 -38.79
N SER B 169 -23.99 4.56 -39.96
CA SER B 169 -23.27 4.55 -41.22
C SER B 169 -22.42 5.81 -41.39
N GLY B 170 -21.15 5.62 -41.74
CA GLY B 170 -20.27 6.75 -41.98
C GLY B 170 -19.58 7.30 -40.74
N GLU B 171 -19.86 6.71 -39.59
CA GLU B 171 -19.23 7.19 -38.36
C GLU B 171 -17.81 6.67 -38.24
N VAL B 172 -16.92 7.55 -37.81
CA VAL B 172 -15.53 7.16 -37.61
C VAL B 172 -15.17 7.27 -36.13
N TYR B 173 -14.78 6.16 -35.54
CA TYR B 173 -14.37 6.14 -34.14
C TYR B 173 -12.85 6.09 -34.05
N THR B 174 -12.29 6.81 -33.09
CA THR B 174 -10.85 6.81 -32.90
C THR B 174 -10.43 6.43 -31.48
N CYS B 175 -9.51 5.49 -31.39
CA CYS B 175 -8.89 5.15 -30.13
C CYS B 175 -7.55 5.87 -30.01
N GLN B 176 -7.38 6.62 -28.93
CA GLN B 176 -6.15 7.37 -28.71
C GLN B 176 -5.37 6.83 -27.52
N VAL B 177 -4.06 6.61 -27.70
CA VAL B 177 -3.24 6.01 -26.66
C VAL B 177 -2.01 6.85 -26.33
N GLU B 178 -1.82 7.12 -25.04
CA GLU B 178 -0.63 7.80 -24.55
C GLU B 178 0.17 6.84 -23.67
N HIS B 179 1.49 6.87 -23.80
CA HIS B 179 2.36 5.93 -23.13
C HIS B 179 3.76 6.54 -23.09
N PRO B 180 4.51 6.27 -22.01
CA PRO B 180 5.86 6.85 -21.87
C PRO B 180 6.83 6.55 -23.02
N SER B 181 6.58 5.51 -23.81
CA SER B 181 7.50 5.19 -24.90
C SER B 181 7.36 6.15 -26.10
N VAL B 182 6.32 6.98 -26.08
CA VAL B 182 6.11 7.94 -27.17
C VAL B 182 5.86 9.35 -26.63
N THR B 183 6.17 10.36 -27.45
CA THR B 183 6.01 11.75 -27.05
C THR B 183 4.81 12.36 -27.75
N SER B 184 4.14 11.55 -28.56
CA SER B 184 2.91 11.94 -29.24
C SER B 184 1.87 10.81 -29.19
N PRO B 185 0.58 11.17 -29.05
CA PRO B 185 -0.46 10.14 -28.92
C PRO B 185 -0.56 9.24 -30.16
N LEU B 186 -0.74 7.94 -29.92
CA LEU B 186 -1.06 6.99 -30.97
C LEU B 186 -2.56 6.99 -31.23
N THR B 187 -2.95 7.01 -32.50
CA THR B 187 -4.36 6.96 -32.85
C THR B 187 -4.65 5.84 -33.84
N VAL B 188 -5.78 5.17 -33.66
CA VAL B 188 -6.23 4.14 -34.59
C VAL B 188 -7.72 4.35 -34.84
N GLU B 189 -8.12 4.33 -36.11
CA GLU B 189 -9.52 4.58 -36.50
C GLU B 189 -10.30 3.31 -36.84
N TRP B 190 -11.60 3.36 -36.57
CA TRP B 190 -12.50 2.29 -36.95
C TRP B 190 -13.70 2.88 -37.67
N ARG B 191 -14.07 2.26 -38.77
CA ARG B 191 -15.17 2.72 -39.60
C ARG B 191 -16.33 1.75 -39.66
N ALA B 192 -17.53 2.28 -39.44
CA ALA B 192 -18.77 1.51 -39.55
C ALA B 192 -19.07 1.21 -41.02
N THR B 193 -19.38 -0.04 -41.33
CA THR B 193 -19.66 -0.46 -42.70
C THR B 193 -21.01 0.02 -43.22
N GLU C 3 1.29 8.18 -6.27
CA GLU C 3 0.49 9.39 -6.44
C GLU C 3 1.30 10.61 -6.06
N GLU C 4 0.70 11.78 -6.27
CA GLU C 4 1.26 13.01 -5.76
C GLU C 4 0.40 13.43 -4.56
N HIS C 5 -0.90 13.23 -4.67
CA HIS C 5 -1.82 13.50 -3.56
C HIS C 5 -2.98 12.51 -3.56
N VAL C 6 -3.53 12.26 -2.38
CA VAL C 6 -4.69 11.38 -2.25
C VAL C 6 -5.72 12.02 -1.34
N ILE C 7 -6.96 12.10 -1.83
CA ILE C 7 -8.08 12.59 -1.04
C ILE C 7 -9.03 11.45 -0.76
N ILE C 8 -9.35 11.24 0.51
CA ILE C 8 -10.23 10.14 0.88
C ILE C 8 -11.44 10.58 1.68
N GLN C 9 -12.62 10.20 1.22
CA GLN C 9 -13.83 10.34 1.99
C GLN C 9 -14.10 9.00 2.68
N ALA C 10 -13.95 8.98 4.00
CA ALA C 10 -14.15 7.75 4.77
C ALA C 10 -15.35 7.89 5.67
N GLU C 11 -16.15 6.83 5.76
CA GLU C 11 -17.37 6.88 6.53
C GLU C 11 -17.66 5.51 7.13
N PHE C 12 -18.23 5.49 8.33
CA PHE C 12 -18.64 4.20 8.89
C PHE C 12 -19.89 4.30 9.74
N TYR C 13 -20.50 3.16 9.97
CA TYR C 13 -21.60 3.03 10.92
C TYR C 13 -21.41 1.76 11.71
N LEU C 14 -21.61 1.84 13.02
CA LEU C 14 -21.30 0.74 13.92
C LEU C 14 -22.46 0.36 14.83
N ASN C 15 -22.78 -0.93 14.84
CA ASN C 15 -23.79 -1.50 15.73
C ASN C 15 -23.13 -2.34 16.80
N PRO C 16 -23.73 -2.42 17.99
CA PRO C 16 -25.01 -1.80 18.38
C PRO C 16 -24.86 -0.38 18.95
N ASP C 17 -23.68 0.20 18.82
CA ASP C 17 -23.41 1.52 19.38
C ASP C 17 -24.23 2.60 18.70
N GLN C 18 -24.65 2.31 17.46
CA GLN C 18 -25.36 3.27 16.61
C GLN C 18 -24.52 4.52 16.41
N SER C 19 -23.24 4.30 16.13
CA SER C 19 -22.28 5.38 15.92
C SER C 19 -21.90 5.48 14.45
N GLY C 20 -21.97 6.69 13.91
CA GLY C 20 -21.56 6.92 12.54
C GLY C 20 -20.56 8.05 12.45
N GLU C 21 -19.73 8.02 11.42
CA GLU C 21 -18.76 9.08 11.19
C GLU C 21 -18.55 9.30 9.70
N PHE C 22 -18.33 10.57 9.33
CA PHE C 22 -18.06 10.94 7.95
C PHE C 22 -16.95 11.97 7.95
N MET C 23 -15.86 11.70 7.23
CA MET C 23 -14.73 12.60 7.24
C MET C 23 -13.99 12.60 5.91
N PHE C 24 -13.25 13.66 5.67
CA PHE C 24 -12.36 13.77 4.51
C PHE C 24 -10.91 13.81 4.96
N ASP C 25 -10.06 13.11 4.21
CA ASP C 25 -8.64 12.98 4.50
C ASP C 25 -7.82 13.46 3.31
N PHE C 26 -6.81 14.29 3.57
CA PHE C 26 -5.87 14.74 2.55
C PHE C 26 -4.47 14.30 2.96
N ASP C 27 -3.91 13.33 2.23
CA ASP C 27 -2.57 12.80 2.50
C ASP C 27 -2.35 12.46 3.99
N GLY C 28 -3.36 11.90 4.65
CA GLY C 28 -3.20 11.45 6.03
C GLY C 28 -3.72 12.42 7.08
N ASP C 29 -4.00 13.65 6.67
CA ASP C 29 -4.58 14.64 7.57
C ASP C 29 -6.08 14.81 7.33
N GLU C 30 -6.80 15.16 8.38
CA GLU C 30 -8.23 15.41 8.27
C GLU C 30 -8.53 16.81 7.73
N ILE C 31 -9.37 16.90 6.71
CA ILE C 31 -9.82 18.22 6.28
C ILE C 31 -10.99 18.64 7.15
N PHE C 32 -11.97 17.76 7.25
CA PHE C 32 -13.14 18.02 8.10
C PHE C 32 -13.85 16.72 8.39
N HIS C 33 -14.71 16.77 9.40
CA HIS C 33 -15.66 15.68 9.66
C HIS C 33 -17.03 16.29 9.93
N VAL C 34 -18.05 15.46 10.02
CA VAL C 34 -19.38 15.96 10.33
C VAL C 34 -19.85 15.51 11.70
N ASP C 35 -20.15 16.49 12.56
CA ASP C 35 -20.73 16.21 13.87
C ASP C 35 -22.17 15.75 13.68
N MET C 36 -22.40 14.45 13.87
CA MET C 36 -23.71 13.87 13.61
C MET C 36 -24.79 14.45 14.52
N ALA C 37 -24.42 14.76 15.77
CA ALA C 37 -25.37 15.35 16.72
C ALA C 37 -25.85 16.74 16.28
N LYS C 38 -24.91 17.64 16.00
CA LYS C 38 -25.28 19.01 15.62
C LYS C 38 -25.55 19.13 14.13
N LYS C 39 -25.26 18.07 13.39
CA LYS C 39 -25.42 18.04 11.93
C LYS C 39 -24.68 19.21 11.29
N GLU C 40 -23.42 19.38 11.69
CA GLU C 40 -22.59 20.48 11.23
C GLU C 40 -21.22 20.01 10.75
N THR C 41 -20.64 20.77 9.83
CA THR C 41 -19.27 20.54 9.39
C THR C 41 -18.28 21.07 10.42
N VAL C 42 -17.30 20.25 10.77
CA VAL C 42 -16.24 20.65 11.70
C VAL C 42 -14.90 20.62 11.00
N TRP C 43 -14.30 21.79 10.77
CA TRP C 43 -13.02 21.87 10.06
C TRP C 43 -11.86 21.57 10.99
N ARG C 44 -10.87 20.81 10.50
CA ARG C 44 -9.76 20.38 11.35
C ARG C 44 -8.93 21.57 11.82
N LEU C 45 -8.69 22.49 10.90
CA LEU C 45 -8.10 23.78 11.25
C LEU C 45 -9.18 24.83 11.01
N GLU C 46 -9.37 25.72 11.98
CA GLU C 46 -10.42 26.72 11.92
C GLU C 46 -10.41 27.47 10.59
N GLU C 47 -9.23 27.86 10.12
CA GLU C 47 -9.08 28.65 8.91
C GLU C 47 -9.64 27.99 7.64
N PHE C 48 -9.69 26.66 7.61
CA PHE C 48 -10.25 25.93 6.47
C PHE C 48 -11.68 26.38 6.17
N GLY C 49 -12.45 26.63 7.22
CA GLY C 49 -13.84 27.03 7.11
C GLY C 49 -14.06 28.34 6.37
N ARG C 50 -13.02 29.17 6.31
CA ARG C 50 -13.11 30.45 5.60
C ARG C 50 -12.80 30.26 4.12
N PHE C 51 -12.11 29.17 3.80
CA PHE C 51 -11.64 28.94 2.44
C PHE C 51 -12.56 28.04 1.64
N ALA C 52 -13.34 27.22 2.34
CA ALA C 52 -14.17 26.22 1.70
C ALA C 52 -15.43 25.96 2.49
N SER C 53 -16.34 25.19 1.91
CA SER C 53 -17.58 24.85 2.59
C SER C 53 -18.00 23.42 2.28
N PHE C 54 -18.99 22.93 3.02
CA PHE C 54 -19.51 21.58 2.83
C PHE C 54 -20.92 21.47 3.37
N GLU C 55 -21.79 20.82 2.61
CA GLU C 55 -23.16 20.58 3.05
C GLU C 55 -23.22 19.30 3.87
N ALA C 56 -23.35 19.45 5.18
CA ALA C 56 -23.33 18.31 6.10
C ALA C 56 -24.46 17.31 5.84
N GLN C 57 -25.56 17.77 5.24
CA GLN C 57 -26.70 16.91 4.97
C GLN C 57 -26.32 15.77 4.02
N GLY C 58 -25.36 16.04 3.13
CA GLY C 58 -24.86 15.00 2.24
C GLY C 58 -24.21 13.87 3.03
N ALA C 59 -23.54 14.22 4.12
CA ALA C 59 -22.92 13.23 4.99
C ALA C 59 -23.94 12.40 5.76
N LEU C 60 -24.97 13.06 6.29
CA LEU C 60 -26.03 12.39 7.03
C LEU C 60 -26.74 11.40 6.12
N ALA C 61 -26.88 11.77 4.86
CA ALA C 61 -27.51 10.90 3.87
C ALA C 61 -26.67 9.65 3.65
N ASN C 62 -25.34 9.81 3.56
CA ASN C 62 -24.45 8.66 3.39
C ASN C 62 -24.45 7.72 4.58
N ILE C 63 -24.50 8.28 5.79
CA ILE C 63 -24.52 7.48 7.01
C ILE C 63 -25.77 6.62 7.06
N ALA C 64 -26.89 7.17 6.61
CA ALA C 64 -28.15 6.45 6.56
C ALA C 64 -28.05 5.23 5.64
N VAL C 65 -27.33 5.40 4.53
CA VAL C 65 -27.04 4.30 3.62
C VAL C 65 -26.11 3.29 4.30
N ASP C 66 -25.07 3.79 4.98
CA ASP C 66 -24.15 2.90 5.66
C ASP C 66 -24.90 2.05 6.70
N LYS C 67 -25.83 2.67 7.40
CA LYS C 67 -26.67 1.97 8.36
C LYS C 67 -27.50 0.88 7.67
N ALA C 68 -28.08 1.21 6.53
CA ALA C 68 -28.87 0.24 5.77
C ALA C 68 -27.99 -0.91 5.28
N ASN C 69 -26.80 -0.57 4.79
CA ASN C 69 -25.86 -1.57 4.31
C ASN C 69 -25.35 -2.48 5.41
N LEU C 70 -25.17 -1.94 6.62
CA LEU C 70 -24.75 -2.75 7.75
C LEU C 70 -25.77 -3.85 8.05
N GLU C 71 -27.03 -3.46 8.12
CA GLU C 71 -28.11 -4.40 8.40
CA GLU C 71 -28.11 -4.41 8.40
C GLU C 71 -28.12 -5.53 7.36
N ILE C 72 -27.92 -5.16 6.10
CA ILE C 72 -27.90 -6.14 5.00
C ILE C 72 -26.69 -7.07 5.10
N MET C 73 -25.50 -6.51 5.35
CA MET C 73 -24.28 -7.32 5.46
C MET C 73 -24.25 -8.23 6.68
N THR C 74 -24.78 -7.75 7.79
CA THR C 74 -24.80 -8.53 9.02
C THR C 74 -25.64 -9.79 8.83
N LYS C 75 -26.80 -9.63 8.16
CA LYS C 75 -27.64 -10.77 7.80
C LYS C 75 -26.91 -11.72 6.85
N ARG C 76 -26.32 -11.16 5.81
CA ARG C 76 -25.64 -11.96 4.79
C ARG C 76 -24.48 -12.78 5.35
N SER C 77 -23.76 -12.20 6.32
CA SER C 77 -22.61 -12.88 6.90
C SER C 77 -22.97 -13.72 8.13
N ASN C 78 -24.26 -13.88 8.37
CA ASN C 78 -24.78 -14.68 9.50
C ASN C 78 -24.32 -14.15 10.85
N TYR C 79 -24.35 -12.82 11.00
CA TYR C 79 -24.07 -12.15 12.26
C TYR C 79 -22.67 -12.46 12.80
N THR C 80 -21.72 -12.56 11.88
CA THR C 80 -20.31 -12.70 12.25
C THR C 80 -19.81 -11.40 12.88
N PRO C 81 -19.41 -11.45 14.15
CA PRO C 81 -18.92 -10.25 14.84
C PRO C 81 -17.53 -9.83 14.38
N ILE C 82 -17.22 -8.54 14.50
CA ILE C 82 -15.88 -8.07 14.17
C ILE C 82 -14.87 -8.60 15.20
N THR C 83 -13.66 -8.88 14.74
CA THR C 83 -12.58 -9.29 15.64
C THR C 83 -11.94 -8.02 16.20
N ASN C 84 -11.82 -7.94 17.53
CA ASN C 84 -11.15 -6.80 18.14
C ASN C 84 -9.67 -6.77 17.77
N VAL C 85 -9.17 -5.62 17.34
CA VAL C 85 -7.74 -5.42 17.17
C VAL C 85 -7.30 -4.32 18.13
N PRO C 86 -6.54 -4.68 19.17
CA PRO C 86 -6.10 -3.72 20.19
C PRO C 86 -5.13 -2.67 19.62
N PRO C 87 -5.14 -1.45 20.18
CA PRO C 87 -4.32 -0.36 19.63
C PRO C 87 -2.88 -0.34 20.11
N GLU C 88 -2.03 0.33 19.35
CA GLU C 88 -0.71 0.72 19.84
C GLU C 88 -0.84 2.15 20.31
N VAL C 89 -0.21 2.48 21.43
CA VAL C 89 -0.33 3.82 21.98
C VAL C 89 1.06 4.43 22.15
N THR C 90 1.19 5.69 21.75
CA THR C 90 2.44 6.40 21.89
C THR C 90 2.19 7.79 22.45
N VAL C 91 2.92 8.16 23.50
CA VAL C 91 2.84 9.51 24.04
C VAL C 91 4.12 10.28 23.75
N LEU C 92 3.97 11.50 23.28
CA LEU C 92 5.08 12.36 22.91
C LEU C 92 4.67 13.81 23.07
N THR C 93 5.61 14.72 22.88
CA THR C 93 5.31 16.15 22.88
C THR C 93 5.50 16.64 21.46
N ASN C 94 4.86 17.76 21.11
CA ASN C 94 4.97 18.22 19.73
C ASN C 94 6.22 19.05 19.49
N SER C 95 6.99 19.26 20.54
CA SER C 95 8.24 19.99 20.45
C SER C 95 9.12 19.65 21.65
N PRO C 96 10.45 19.82 21.51
CA PRO C 96 11.37 19.55 22.62
C PRO C 96 10.93 20.27 23.90
N VAL C 97 11.02 19.56 25.03
CA VAL C 97 10.50 20.06 26.28
C VAL C 97 11.44 21.02 26.99
N GLU C 98 10.90 22.15 27.40
CA GLU C 98 11.65 23.13 28.18
C GLU C 98 10.85 23.50 29.42
N LEU C 99 11.48 23.41 30.59
CA LEU C 99 10.82 23.72 31.86
C LEU C 99 10.11 25.06 31.82
N ARG C 100 8.86 25.07 32.29
CA ARG C 100 8.04 26.28 32.37
C ARG C 100 7.78 26.90 31.00
N GLU C 101 8.04 26.13 29.94
CA GLU C 101 7.76 26.60 28.59
C GLU C 101 6.57 25.81 28.05
N PRO C 102 5.45 26.49 27.80
CA PRO C 102 4.19 25.87 27.35
C PRO C 102 4.38 24.85 26.24
N ASN C 103 3.81 23.65 26.42
CA ASN C 103 4.00 22.58 25.45
C ASN C 103 2.72 21.78 25.31
N VAL C 104 2.71 20.78 24.43
CA VAL C 104 1.52 19.97 24.23
C VAL C 104 1.86 18.48 24.26
N LEU C 105 1.19 17.73 25.13
CA LEU C 105 1.30 16.28 25.10
C LEU C 105 0.37 15.69 24.03
N ILE C 106 0.89 14.72 23.30
CA ILE C 106 0.13 14.05 22.26
C ILE C 106 0.02 12.56 22.58
N CYS C 107 -1.20 12.04 22.60
CA CYS C 107 -1.42 10.61 22.74
C CYS C 107 -1.92 10.05 21.43
N PHE C 108 -1.08 9.26 20.76
CA PHE C 108 -1.39 8.71 19.44
C PHE C 108 -1.85 7.26 19.56
N ILE C 109 -3.10 7.02 19.20
CA ILE C 109 -3.70 5.70 19.29
C ILE C 109 -3.87 5.13 17.89
N ASP C 110 -3.28 3.96 17.62
CA ASP C 110 -3.07 3.51 16.25
C ASP C 110 -3.36 2.02 16.03
N LYS C 111 -3.73 1.68 14.79
CA LYS C 111 -3.89 0.29 14.35
C LYS C 111 -4.90 -0.52 15.16
N PHE C 112 -6.09 0.03 15.36
CA PHE C 112 -7.11 -0.70 16.11
C PHE C 112 -8.46 -0.73 15.41
N THR C 113 -9.30 -1.67 15.84
CA THR C 113 -10.67 -1.73 15.40
C THR C 113 -11.41 -2.62 16.40
N PRO C 114 -12.71 -2.36 16.62
CA PRO C 114 -13.60 -1.33 16.06
C PRO C 114 -13.25 0.10 16.50
N PRO C 115 -13.77 1.11 15.78
CA PRO C 115 -13.48 2.50 16.15
C PRO C 115 -14.22 2.94 17.41
N VAL C 116 -13.89 2.32 18.55
CA VAL C 116 -14.42 2.73 19.85
C VAL C 116 -13.30 2.67 20.89
N VAL C 117 -13.14 3.74 21.65
CA VAL C 117 -12.07 3.78 22.62
C VAL C 117 -12.41 4.71 23.78
N ASN C 118 -11.85 4.42 24.96
CA ASN C 118 -11.95 5.34 26.09
C ASN C 118 -10.56 5.87 26.43
N VAL C 119 -10.38 7.18 26.33
CA VAL C 119 -9.08 7.79 26.57
C VAL C 119 -9.11 8.76 27.75
N THR C 120 -8.17 8.62 28.68
CA THR C 120 -8.08 9.53 29.81
C THR C 120 -6.66 10.04 30.00
N TRP C 121 -6.51 11.36 30.11
CA TRP C 121 -5.23 11.93 30.50
C TRP C 121 -5.11 11.92 32.02
N LEU C 122 -3.96 11.48 32.51
CA LEU C 122 -3.69 11.46 33.95
C LEU C 122 -2.49 12.36 34.29
N ARG C 123 -2.68 13.27 35.23
CA ARG C 123 -1.57 14.02 35.80
C ARG C 123 -1.32 13.53 37.22
N ASN C 124 -0.16 12.92 37.45
CA ASN C 124 0.17 12.33 38.74
C ASN C 124 -0.91 11.38 39.23
N GLY C 125 -1.40 10.54 38.33
CA GLY C 125 -2.39 9.53 38.63
C GLY C 125 -3.83 10.01 38.70
N LYS C 126 -4.04 11.32 38.51
CA LYS C 126 -5.37 11.90 38.59
C LYS C 126 -5.89 12.31 37.20
N PRO C 127 -7.16 12.00 36.90
CA PRO C 127 -7.77 12.38 35.63
C PRO C 127 -7.78 13.89 35.43
N VAL C 128 -7.35 14.35 34.25
CA VAL C 128 -7.38 15.77 33.95
C VAL C 128 -8.13 16.03 32.65
N THR C 129 -8.97 17.06 32.64
CA THR C 129 -9.80 17.37 31.48
C THR C 129 -9.64 18.80 30.99
N THR C 130 -8.83 19.59 31.68
CA THR C 130 -8.68 21.00 31.33
C THR C 130 -7.83 21.20 30.09
N GLY C 131 -8.42 21.83 29.08
CA GLY C 131 -7.72 22.17 27.85
C GLY C 131 -7.51 21.00 26.91
N VAL C 132 -8.03 19.83 27.26
CA VAL C 132 -7.85 18.66 26.41
C VAL C 132 -8.66 18.77 25.10
N SER C 133 -8.20 18.07 24.08
CA SER C 133 -8.92 17.96 22.82
C SER C 133 -8.61 16.63 22.17
N GLU C 134 -9.33 16.29 21.11
CA GLU C 134 -9.16 15.01 20.44
C GLU C 134 -9.66 15.05 18.99
N THR C 135 -9.21 14.09 18.20
CA THR C 135 -9.70 13.95 16.84
C THR C 135 -10.76 12.87 16.76
N VAL C 136 -11.49 12.83 15.65
CA VAL C 136 -12.35 11.68 15.36
C VAL C 136 -11.46 10.53 14.91
N PHE C 137 -12.05 9.40 14.52
CA PHE C 137 -11.28 8.26 14.08
C PHE C 137 -10.81 8.44 12.65
N LEU C 138 -9.50 8.34 12.45
CA LEU C 138 -8.90 8.62 11.14
C LEU C 138 -8.55 7.32 10.42
N PRO C 139 -8.65 7.31 9.07
CA PRO C 139 -8.46 6.07 8.31
C PRO C 139 -7.01 5.67 8.13
N ARG C 140 -6.80 4.39 7.83
CA ARG C 140 -5.47 3.88 7.49
C ARG C 140 -5.59 3.08 6.20
N GLU C 141 -4.45 2.79 5.57
CA GLU C 141 -4.45 2.00 4.36
C GLU C 141 -4.78 0.53 4.63
N ASP C 142 -4.54 0.08 5.85
CA ASP C 142 -4.91 -1.29 6.23
C ASP C 142 -6.29 -1.34 6.89
N HIS C 143 -7.00 -0.22 6.82
CA HIS C 143 -8.41 -0.12 7.21
C HIS C 143 -8.63 -0.30 8.71
N LEU C 144 -7.55 -0.25 9.47
CA LEU C 144 -7.61 -0.03 10.90
C LEU C 144 -7.75 1.48 11.11
N PHE C 145 -7.82 1.90 12.35
CA PHE C 145 -8.05 3.31 12.64
C PHE C 145 -6.95 3.91 13.49
N ARG C 146 -6.87 5.23 13.47
CA ARG C 146 -5.99 5.94 14.38
C ARG C 146 -6.73 7.14 14.96
N LYS C 147 -6.17 7.68 16.04
CA LYS C 147 -6.84 8.73 16.79
C LYS C 147 -5.80 9.53 17.57
N PHE C 148 -6.01 10.83 17.70
CA PHE C 148 -5.10 11.69 18.45
C PHE C 148 -5.82 12.35 19.61
N HIS C 149 -5.17 12.39 20.75
CA HIS C 149 -5.66 13.15 21.90
C HIS C 149 -4.57 14.14 22.32
N TYR C 150 -4.97 15.32 22.78
CA TYR C 150 -4.01 16.37 23.11
C TYR C 150 -4.17 16.92 24.53
N LEU C 151 -3.05 17.28 25.15
CA LEU C 151 -3.08 17.91 26.46
C LEU C 151 -2.01 19.00 26.55
N PRO C 152 -2.44 20.27 26.43
CA PRO C 152 -1.52 21.38 26.70
C PRO C 152 -1.08 21.36 28.15
N PHE C 153 0.19 21.66 28.39
CA PHE C 153 0.72 21.56 29.75
C PHE C 153 1.94 22.43 29.94
N LEU C 154 2.22 22.73 31.19
CA LEU C 154 3.43 23.46 31.57
C LEU C 154 4.45 22.47 32.15
N PRO C 155 5.51 22.18 31.38
CA PRO C 155 6.55 21.23 31.81
C PRO C 155 7.17 21.59 33.14
N SER C 156 7.25 20.61 34.04
CA SER C 156 7.85 20.80 35.35
C SER C 156 8.49 19.50 35.82
N THR C 157 9.35 19.59 36.83
CA THR C 157 10.02 18.41 37.35
C THR C 157 9.15 17.63 38.34
N GLU C 158 7.99 18.19 38.68
CA GLU C 158 7.14 17.61 39.71
C GLU C 158 5.82 17.06 39.19
N ASP C 159 5.73 16.86 37.89
CA ASP C 159 4.50 16.35 37.29
C ASP C 159 4.80 15.23 36.31
N VAL C 160 4.10 14.10 36.48
CA VAL C 160 4.21 13.02 35.52
C VAL C 160 2.86 12.83 34.84
N TYR C 161 2.88 12.28 33.63
CA TYR C 161 1.66 12.13 32.85
C TYR C 161 1.50 10.74 32.31
N ASP C 162 0.26 10.33 32.13
CA ASP C 162 -0.06 9.08 31.47
C ASP C 162 -1.25 9.29 30.55
N CYS C 163 -1.20 8.66 29.39
CA CYS C 163 -2.40 8.51 28.58
C CYS C 163 -2.93 7.09 28.79
N ARG C 164 -4.16 6.99 29.27
CA ARG C 164 -4.74 5.68 29.56
C ARG C 164 -5.78 5.32 28.51
N VAL C 165 -5.59 4.19 27.86
CA VAL C 165 -6.45 3.81 26.74
C VAL C 165 -7.19 2.51 27.01
N GLU C 166 -8.52 2.55 26.90
CA GLU C 166 -9.33 1.35 27.05
C GLU C 166 -9.93 0.95 25.70
N HIS C 167 -9.81 -0.33 25.37
CA HIS C 167 -10.33 -0.87 24.11
C HIS C 167 -10.74 -2.32 24.35
N TRP C 168 -11.80 -2.79 23.68
CA TRP C 168 -12.32 -4.14 23.92
C TRP C 168 -11.31 -5.23 23.56
N GLY C 169 -10.31 -4.86 22.77
CA GLY C 169 -9.24 -5.79 22.44
C GLY C 169 -8.18 -5.90 23.52
N LEU C 170 -8.27 -5.03 24.53
CA LEU C 170 -7.31 -5.04 25.64
C LEU C 170 -7.88 -5.73 26.88
N ASP C 171 -7.07 -6.53 27.55
CA ASP C 171 -7.46 -7.21 28.79
C ASP C 171 -7.54 -6.25 29.97
N GLU C 172 -6.66 -5.25 29.97
CA GLU C 172 -6.64 -4.23 31.01
C GLU C 172 -6.25 -2.90 30.35
N PRO C 173 -6.59 -1.76 30.99
CA PRO C 173 -6.24 -0.48 30.38
C PRO C 173 -4.75 -0.35 30.06
N LEU C 174 -4.46 0.34 28.97
CA LEU C 174 -3.07 0.54 28.54
C LEU C 174 -2.62 1.94 28.91
N LEU C 175 -1.56 2.04 29.71
CA LEU C 175 -1.02 3.33 30.09
C LEU C 175 0.33 3.61 29.46
N LYS C 176 0.42 4.76 28.80
CA LYS C 176 1.68 5.23 28.24
C LYS C 176 2.11 6.44 29.03
N HIS C 177 3.35 6.40 29.51
CA HIS C 177 3.85 7.37 30.48
C HIS C 177 4.67 8.49 29.86
N TRP C 178 4.66 9.65 30.50
CA TRP C 178 5.60 10.72 30.15
C TRP C 178 6.02 11.46 31.40
N GLU C 179 7.30 11.79 31.47
CA GLU C 179 7.83 12.60 32.55
C GLU C 179 9.04 13.36 32.02
N PHE C 180 9.41 14.43 32.71
CA PHE C 180 10.51 15.29 32.26
C PHE C 180 11.83 14.53 32.11
N ASP C 181 12.44 14.66 30.95
CA ASP C 181 13.68 13.95 30.66
C ASP C 181 14.85 14.80 31.14
N THR C 182 15.69 14.20 31.99
CA THR C 182 16.83 14.89 32.58
C THR C 182 18.03 14.94 31.65
N ASP D 4 -18.82 -4.22 28.47
CA ASP D 4 -19.65 -4.57 27.31
C ASP D 4 -18.95 -5.60 26.43
N THR D 5 -19.53 -6.80 26.38
CA THR D 5 -18.98 -7.88 25.57
C THR D 5 -19.90 -8.21 24.39
N ARG D 6 -20.85 -7.34 24.11
CA ARG D 6 -21.73 -7.52 22.95
C ARG D 6 -20.94 -7.50 21.65
N PRO D 7 -21.30 -8.39 20.70
CA PRO D 7 -20.60 -8.41 19.42
C PRO D 7 -20.79 -7.10 18.67
N ARG D 8 -19.75 -6.67 17.95
CA ARG D 8 -19.84 -5.44 17.16
C ARG D 8 -19.88 -5.77 15.69
N PHE D 9 -20.54 -4.90 14.93
CA PHE D 9 -20.66 -5.05 13.48
C PHE D 9 -20.39 -3.71 12.84
N LEU D 10 -19.36 -3.65 12.00
CA LEU D 10 -18.90 -2.38 11.45
C LEU D 10 -19.04 -2.35 9.94
N GLU D 11 -19.73 -1.32 9.43
CA GLU D 11 -19.87 -1.09 8.00
C GLU D 11 -19.04 0.14 7.64
N TYR D 12 -18.12 -0.03 6.70
CA TYR D 12 -17.13 1.01 6.40
C TYR D 12 -16.99 1.19 4.89
N SER D 13 -16.77 2.42 4.46
CA SER D 13 -16.65 2.69 3.04
C SER D 13 -15.73 3.88 2.80
N THR D 14 -14.97 3.80 1.72
CA THR D 14 -14.12 4.91 1.31
C THR D 14 -14.42 5.25 -0.15
N SER D 15 -14.27 6.53 -0.48
CA SER D 15 -14.28 6.99 -1.85
C SER D 15 -12.96 7.71 -2.01
N GLU D 16 -12.09 7.17 -2.87
CA GLU D 16 -10.72 7.63 -2.94
C GLU D 16 -10.38 8.32 -4.26
N CYS D 17 -9.69 9.45 -4.16
CA CYS D 17 -9.20 10.17 -5.34
C CYS D 17 -7.68 10.23 -5.33
N HIS D 18 -7.07 9.61 -6.33
CA HIS D 18 -5.63 9.51 -6.43
C HIS D 18 -5.11 10.41 -7.55
N PHE D 19 -4.29 11.38 -7.19
CA PHE D 19 -3.83 12.38 -8.15
C PHE D 19 -2.37 12.18 -8.52
N PHE D 20 -2.10 12.21 -9.82
CA PHE D 20 -0.74 12.10 -10.34
C PHE D 20 -0.49 13.32 -11.23
N ASN D 21 0.61 14.02 -10.98
CA ASN D 21 0.97 15.21 -11.76
C ASN D 21 -0.17 16.23 -11.77
N GLY D 22 -0.49 16.76 -10.58
CA GLY D 22 -1.63 17.65 -10.43
C GLY D 22 -2.92 16.89 -10.68
N THR D 23 -3.75 17.40 -11.58
CA THR D 23 -4.98 16.73 -11.95
C THR D 23 -4.91 16.18 -13.37
N GLU D 24 -3.68 15.99 -13.85
CA GLU D 24 -3.47 15.48 -15.20
C GLU D 24 -3.86 14.01 -15.31
N ARG D 25 -3.50 13.24 -14.28
CA ARG D 25 -3.89 11.83 -14.18
C ARG D 25 -4.59 11.60 -12.86
N VAL D 26 -5.82 11.11 -12.92
CA VAL D 26 -6.63 10.94 -11.73
C VAL D 26 -7.26 9.56 -11.71
N ARG D 27 -7.23 8.90 -10.56
CA ARG D 27 -7.88 7.60 -10.42
C ARG D 27 -8.84 7.62 -9.24
N PHE D 28 -10.05 7.13 -9.48
CA PHE D 28 -11.09 7.10 -8.46
C PHE D 28 -11.37 5.66 -8.05
N LEU D 29 -11.41 5.43 -6.73
CA LEU D 29 -11.70 4.12 -6.16
C LEU D 29 -12.77 4.25 -5.09
N GLU D 30 -13.86 3.50 -5.26
CA GLU D 30 -14.90 3.40 -4.24
C GLU D 30 -14.84 2.00 -3.63
N ARG D 31 -14.73 1.93 -2.31
CA ARG D 31 -14.52 0.64 -1.66
C ARG D 31 -15.50 0.41 -0.50
N TYR D 32 -16.09 -0.78 -0.44
CA TYR D 32 -17.04 -1.11 0.61
C TYR D 32 -16.50 -2.24 1.49
N PHE D 33 -16.60 -2.06 2.81
CA PHE D 33 -16.04 -3.03 3.76
C PHE D 33 -17.09 -3.45 4.78
N HIS D 34 -16.92 -4.67 5.31
CA HIS D 34 -17.71 -5.14 6.45
C HIS D 34 -16.80 -5.88 7.42
N ASN D 35 -16.78 -5.44 8.67
CA ASN D 35 -15.89 -6.01 9.69
C ASN D 35 -14.45 -6.19 9.19
N GLN D 36 -13.87 -5.12 8.64
CA GLN D 36 -12.48 -5.08 8.14
C GLN D 36 -12.22 -5.82 6.83
N GLU D 37 -13.24 -6.43 6.25
CA GLU D 37 -13.08 -7.13 4.97
C GLU D 37 -13.63 -6.33 3.79
N GLU D 38 -12.77 -5.98 2.84
CA GLU D 38 -13.25 -5.32 1.64
C GLU D 38 -13.97 -6.36 0.79
N ASN D 39 -15.21 -6.08 0.37
CA ASN D 39 -15.92 -7.09 -0.43
C ASN D 39 -16.36 -6.65 -1.82
N VAL D 40 -16.40 -5.35 -2.09
CA VAL D 40 -16.73 -4.88 -3.43
C VAL D 40 -16.10 -3.50 -3.67
N ARG D 41 -15.69 -3.23 -4.90
CA ARG D 41 -15.11 -1.92 -5.21
C ARG D 41 -15.41 -1.44 -6.62
N PHE D 42 -15.42 -0.13 -6.79
CA PHE D 42 -15.40 0.49 -8.12
C PHE D 42 -14.03 1.09 -8.35
N ASP D 43 -13.42 0.72 -9.46
CA ASP D 43 -12.12 1.23 -9.88
C ASP D 43 -12.28 1.93 -11.23
N SER D 44 -11.95 3.21 -11.31
CA SER D 44 -12.14 3.96 -12.55
C SER D 44 -11.27 3.41 -13.68
N ASP D 45 -10.25 2.61 -13.34
CA ASP D 45 -9.45 1.93 -14.35
C ASP D 45 -10.29 0.89 -15.10
N VAL D 46 -11.33 0.41 -14.43
CA VAL D 46 -12.21 -0.63 -14.96
C VAL D 46 -13.56 -0.10 -15.45
N GLY D 47 -14.19 0.75 -14.66
CA GLY D 47 -15.46 1.36 -15.05
C GLY D 47 -16.70 0.58 -14.64
N GLU D 48 -16.51 -0.46 -13.83
CA GLU D 48 -17.61 -1.26 -13.29
C GLU D 48 -17.21 -1.74 -11.91
N TYR D 49 -18.20 -2.13 -11.12
CA TYR D 49 -17.94 -2.73 -9.82
C TYR D 49 -17.40 -4.15 -9.98
N ARG D 50 -16.51 -4.54 -9.08
CA ARG D 50 -15.99 -5.90 -9.04
C ARG D 50 -16.03 -6.43 -7.61
N ALA D 51 -16.46 -7.67 -7.45
CA ALA D 51 -16.44 -8.31 -6.13
C ALA D 51 -15.00 -8.54 -5.68
N VAL D 52 -14.69 -8.15 -4.45
CA VAL D 52 -13.36 -8.40 -3.89
C VAL D 52 -13.41 -9.75 -3.19
N THR D 53 -14.56 -10.03 -2.60
CA THR D 53 -14.85 -11.34 -2.01
C THR D 53 -16.24 -11.82 -2.43
N GLU D 54 -16.50 -13.09 -2.15
CA GLU D 54 -17.76 -13.73 -2.49
C GLU D 54 -18.96 -13.01 -1.88
N LEU D 55 -18.77 -12.46 -0.68
CA LEU D 55 -19.84 -11.75 0.02
C LEU D 55 -20.26 -10.45 -0.69
N GLY D 56 -19.40 -9.91 -1.55
CA GLY D 56 -19.70 -8.69 -2.27
C GLY D 56 -20.25 -8.91 -3.66
N ARG D 57 -20.23 -10.16 -4.11
CA ARG D 57 -20.70 -10.50 -5.45
C ARG D 57 -22.13 -10.05 -5.75
N PRO D 58 -23.08 -10.26 -4.80
CA PRO D 58 -24.44 -9.82 -5.13
C PRO D 58 -24.53 -8.31 -5.41
N ASP D 59 -23.69 -7.52 -4.74
CA ASP D 59 -23.75 -6.08 -4.88
C ASP D 59 -23.07 -5.61 -6.16
N ALA D 60 -21.96 -6.27 -6.51
CA ALA D 60 -21.26 -6.00 -7.76
C ALA D 60 -22.22 -6.20 -8.92
N GLU D 61 -22.94 -7.31 -8.91
CA GLU D 61 -23.91 -7.59 -9.97
C GLU D 61 -25.08 -6.61 -9.94
N TYR D 62 -25.61 -6.36 -8.74
CA TYR D 62 -26.74 -5.46 -8.58
C TYR D 62 -26.40 -4.04 -9.05
N TRP D 63 -25.26 -3.54 -8.59
CA TRP D 63 -24.87 -2.18 -8.92
C TRP D 63 -24.46 -2.02 -10.39
N ASN D 64 -23.85 -3.05 -11.00
CA ASN D 64 -23.51 -2.97 -12.42
C ASN D 64 -24.75 -3.01 -13.31
N SER D 65 -25.90 -3.36 -12.74
CA SER D 65 -27.14 -3.39 -13.52
C SER D 65 -27.83 -2.02 -13.50
N GLN D 66 -27.25 -1.07 -12.77
CA GLN D 66 -27.79 0.28 -12.67
C GLN D 66 -26.95 1.26 -13.48
N LYS D 67 -27.40 1.56 -14.70
CA LYS D 67 -26.64 2.39 -15.62
C LYS D 67 -26.39 3.80 -15.08
N ASP D 68 -27.36 4.33 -14.33
CA ASP D 68 -27.21 5.69 -13.81
C ASP D 68 -26.13 5.74 -12.73
N LEU D 69 -26.09 4.72 -11.88
CA LEU D 69 -25.05 4.63 -10.86
C LEU D 69 -23.69 4.52 -11.52
N LEU D 70 -23.59 3.66 -12.53
CA LEU D 70 -22.32 3.44 -13.21
C LEU D 70 -21.80 4.72 -13.87
N GLU D 71 -22.69 5.48 -14.52
CA GLU D 71 -22.21 6.67 -15.21
C GLU D 71 -21.85 7.79 -14.24
N GLN D 72 -22.48 7.80 -13.06
CA GLN D 72 -22.07 8.70 -11.99
C GLN D 72 -20.64 8.40 -11.57
N ARG D 73 -20.37 7.12 -11.34
CA ARG D 73 -19.05 6.68 -10.92
C ARG D 73 -18.00 6.86 -12.01
N ARG D 74 -18.39 6.70 -13.27
CA ARG D 74 -17.44 6.86 -14.37
C ARG D 74 -17.03 8.32 -14.55
N ALA D 75 -17.90 9.23 -14.10
CA ALA D 75 -17.63 10.65 -14.23
C ALA D 75 -16.97 11.23 -12.98
N ALA D 76 -16.85 10.41 -11.94
CA ALA D 76 -16.39 10.89 -10.64
C ALA D 76 -14.99 11.53 -10.67
N VAL D 77 -14.09 11.05 -11.52
CA VAL D 77 -12.75 11.65 -11.61
C VAL D 77 -12.83 13.13 -11.97
N ASP D 78 -13.89 13.52 -12.69
CA ASP D 78 -14.10 14.93 -13.02
C ASP D 78 -14.98 15.63 -11.99
N THR D 79 -16.17 15.08 -11.77
CA THR D 79 -17.19 15.75 -10.96
C THR D 79 -16.92 15.74 -9.47
N TYR D 80 -16.08 14.81 -9.04
CA TYR D 80 -15.83 14.60 -7.62
C TYR D 80 -14.36 14.84 -7.28
N CYS D 81 -13.46 14.07 -7.91
CA CYS D 81 -12.03 14.16 -7.63
C CYS D 81 -11.42 15.51 -8.04
N ARG D 82 -11.49 15.83 -9.33
CA ARG D 82 -10.92 17.08 -9.81
C ARG D 82 -11.61 18.27 -9.16
N HIS D 83 -12.91 18.15 -8.92
CA HIS D 83 -13.63 19.24 -8.28
C HIS D 83 -13.10 19.54 -6.88
N ASN D 84 -13.06 18.51 -6.04
CA ASN D 84 -12.62 18.68 -4.66
C ASN D 84 -11.16 19.06 -4.54
N TYR D 85 -10.33 18.58 -5.47
CA TYR D 85 -8.92 18.95 -5.51
C TYR D 85 -8.81 20.47 -5.68
N GLY D 86 -9.60 21.00 -6.60
CA GLY D 86 -9.64 22.43 -6.85
C GLY D 86 -10.17 23.21 -5.65
N VAL D 87 -11.17 22.65 -4.98
CA VAL D 87 -11.77 23.33 -3.83
C VAL D 87 -10.74 23.62 -2.74
N GLY D 88 -9.89 22.64 -2.45
CA GLY D 88 -8.96 22.77 -1.35
C GLY D 88 -7.51 22.95 -1.71
N GLU D 89 -7.24 23.22 -2.99
CA GLU D 89 -5.86 23.28 -3.49
C GLU D 89 -4.99 24.29 -2.72
N SER D 90 -5.57 25.44 -2.40
CA SER D 90 -4.80 26.54 -1.81
C SER D 90 -4.32 26.26 -0.39
N PHE D 91 -5.05 25.44 0.37
CA PHE D 91 -4.67 25.20 1.76
C PHE D 91 -4.30 23.75 2.06
N THR D 92 -4.16 22.95 1.02
CA THR D 92 -3.74 21.56 1.18
C THR D 92 -2.49 21.29 0.34
N VAL D 93 -2.70 21.24 -0.97
CA VAL D 93 -1.63 21.01 -1.92
C VAL D 93 -0.56 22.11 -1.82
N GLN D 94 -1.00 23.35 -1.62
CA GLN D 94 -0.11 24.49 -1.60
C GLN D 94 0.33 24.88 -0.19
N ARG D 95 -0.04 24.06 0.81
CA ARG D 95 0.36 24.30 2.19
C ARG D 95 1.85 24.06 2.41
N ARG D 96 2.54 25.05 2.97
CA ARG D 96 3.95 24.92 3.28
C ARG D 96 4.26 25.56 4.63
N VAL D 97 4.75 24.74 5.58
CA VAL D 97 5.19 25.24 6.87
C VAL D 97 6.66 24.89 7.09
N HIS D 98 7.50 25.90 7.29
CA HIS D 98 8.93 25.70 7.47
C HIS D 98 9.21 24.89 8.73
N PRO D 99 10.19 23.98 8.67
CA PRO D 99 10.54 23.27 9.89
C PRO D 99 11.30 24.15 10.87
N LYS D 100 11.09 23.90 12.16
CA LYS D 100 11.92 24.49 13.22
C LYS D 100 13.01 23.49 13.59
N VAL D 101 14.24 23.95 13.58
CA VAL D 101 15.37 23.06 13.81
C VAL D 101 16.18 23.48 15.03
N THR D 102 16.31 22.57 16.00
CA THR D 102 17.19 22.80 17.14
C THR D 102 18.03 21.56 17.39
N VAL D 103 19.19 21.77 18.00
CA VAL D 103 20.08 20.67 18.38
C VAL D 103 20.41 20.74 19.87
N TYR D 104 20.27 19.60 20.57
CA TYR D 104 20.61 19.51 21.99
C TYR D 104 21.29 18.17 22.29
N PRO D 105 22.17 18.14 23.31
CA PRO D 105 22.87 16.91 23.67
C PRO D 105 22.04 16.00 24.56
N SER D 106 22.27 14.69 24.47
CA SER D 106 21.57 13.74 25.30
C SER D 106 22.50 12.59 25.67
N LYS D 107 21.93 11.50 26.17
CA LYS D 107 22.71 10.37 26.64
C LYS D 107 22.08 9.05 26.21
N THR D 108 22.90 8.07 25.87
CA THR D 108 22.41 6.75 25.47
C THR D 108 21.89 5.98 26.67
N GLN D 109 22.33 6.38 27.85
CA GLN D 109 21.87 5.79 29.10
C GLN D 109 22.23 6.73 30.25
N PRO D 110 21.47 6.69 31.34
CA PRO D 110 21.87 7.50 32.51
C PRO D 110 23.24 7.08 33.03
N LEU D 111 23.94 8.00 33.68
CA LEU D 111 25.29 7.80 34.19
C LEU D 111 26.32 7.81 33.07
N GLN D 112 25.93 8.33 31.92
CA GLN D 112 26.83 8.48 30.77
C GLN D 112 27.15 9.94 30.52
N HIS D 113 28.30 10.19 29.90
CA HIS D 113 28.62 11.52 29.41
C HIS D 113 27.74 11.81 28.20
N HIS D 114 27.65 13.08 27.82
CA HIS D 114 26.89 13.48 26.64
C HIS D 114 27.42 12.76 25.40
N ASN D 115 26.76 11.69 24.99
CA ASN D 115 27.24 10.91 23.86
C ASN D 115 26.15 10.74 22.79
N LEU D 116 25.20 11.65 22.78
CA LEU D 116 24.11 11.59 21.83
C LEU D 116 23.67 13.00 21.45
N LEU D 117 23.77 13.33 20.17
CA LEU D 117 23.34 14.64 19.69
C LEU D 117 21.99 14.52 18.99
N VAL D 118 21.01 15.25 19.49
CA VAL D 118 19.65 15.20 18.97
C VAL D 118 19.34 16.40 18.08
N CYS D 119 19.02 16.13 16.83
CA CYS D 119 18.54 17.17 15.94
C CYS D 119 17.02 17.09 15.86
N SER D 120 16.37 18.06 16.50
CA SER D 120 14.91 18.14 16.50
C SER D 120 14.44 18.95 15.31
N VAL D 121 13.58 18.35 14.49
CA VAL D 121 13.00 19.05 13.35
C VAL D 121 11.49 19.00 13.50
N SER D 122 10.85 20.14 13.76
CA SER D 122 9.43 20.09 14.13
C SER D 122 8.54 21.13 13.48
N GLY D 123 7.23 20.87 13.53
CA GLY D 123 6.21 21.80 13.08
C GLY D 123 6.11 21.98 11.58
N PHE D 124 6.65 21.07 10.79
CA PHE D 124 6.70 21.30 9.35
C PHE D 124 5.56 20.61 8.57
N TYR D 125 5.33 21.11 7.36
CA TYR D 125 4.39 20.53 6.41
C TYR D 125 4.83 20.87 4.97
N PRO D 126 4.76 19.91 4.03
CA PRO D 126 4.26 18.53 4.18
C PRO D 126 5.21 17.54 4.85
N GLY D 127 4.72 16.30 4.97
CA GLY D 127 5.42 15.22 5.64
C GLY D 127 6.45 14.54 4.78
N SER D 128 7.46 15.31 4.38
CA SER D 128 8.58 14.82 3.60
C SER D 128 9.79 15.57 4.10
N ILE D 129 10.80 14.86 4.57
CA ILE D 129 11.95 15.52 5.15
C ILE D 129 13.23 14.70 4.95
N GLU D 130 14.35 15.40 4.90
CA GLU D 130 15.66 14.75 4.79
C GLU D 130 16.63 15.42 5.75
N VAL D 131 17.18 14.65 6.68
CA VAL D 131 18.04 15.20 7.72
C VAL D 131 19.40 14.50 7.75
N ARG D 132 20.48 15.27 7.70
CA ARG D 132 21.81 14.67 7.71
C ARG D 132 22.70 15.31 8.78
N TRP D 133 23.65 14.53 9.26
CA TRP D 133 24.59 15.00 10.27
C TRP D 133 25.97 15.21 9.66
N PHE D 134 26.64 16.27 10.12
CA PHE D 134 28.01 16.55 9.72
C PHE D 134 28.88 16.84 10.94
N ARG D 135 30.15 16.45 10.85
CA ARG D 135 31.14 16.88 11.82
C ARG D 135 32.35 17.41 11.07
N ASN D 136 32.70 18.67 11.34
CA ASN D 136 33.78 19.35 10.65
C ASN D 136 33.66 19.21 9.13
N GLY D 137 32.48 19.52 8.60
CA GLY D 137 32.26 19.54 7.16
C GLY D 137 32.21 18.18 6.48
N GLN D 138 32.22 17.12 7.27
CA GLN D 138 32.14 15.76 6.72
C GLN D 138 30.88 15.06 7.20
N GLU D 139 30.15 14.44 6.28
CA GLU D 139 28.90 13.78 6.66
C GLU D 139 29.17 12.58 7.56
N GLU D 140 28.37 12.46 8.60
CA GLU D 140 28.42 11.31 9.49
C GLU D 140 27.27 10.37 9.14
N LYS D 141 27.60 9.21 8.60
CA LYS D 141 26.58 8.27 8.15
C LYS D 141 26.40 7.07 9.09
N THR D 142 27.30 6.93 10.05
CA THR D 142 27.21 5.83 11.01
C THR D 142 26.73 6.32 12.38
N GLY D 143 26.05 5.46 13.12
CA GLY D 143 25.55 5.81 14.43
C GLY D 143 24.39 6.79 14.42
N VAL D 144 23.65 6.80 13.31
CA VAL D 144 22.46 7.65 13.22
C VAL D 144 21.20 6.83 13.46
N VAL D 145 20.39 7.27 14.43
CA VAL D 145 19.13 6.62 14.73
C VAL D 145 18.07 7.70 14.78
N SER D 146 16.84 7.37 14.38
CA SER D 146 15.79 8.37 14.32
C SER D 146 14.45 7.83 14.79
N THR D 147 13.55 8.73 15.17
CA THR D 147 12.18 8.36 15.46
C THR D 147 11.45 7.97 14.18
N GLY D 148 12.02 8.33 13.03
CA GLY D 148 11.30 8.26 11.77
C GLY D 148 10.40 9.48 11.67
N LEU D 149 9.59 9.55 10.61
CA LEU D 149 8.68 10.68 10.45
C LEU D 149 7.49 10.56 11.40
N ILE D 150 7.26 11.58 12.21
CA ILE D 150 6.16 11.57 13.16
C ILE D 150 5.04 12.52 12.73
N HIS D 151 3.83 12.01 12.65
CA HIS D 151 2.67 12.84 12.33
C HIS D 151 2.03 13.31 13.64
N ASN D 152 1.80 14.60 13.76
CA ASN D 152 1.22 15.13 15.00
C ASN D 152 -0.30 15.17 14.97
N GLY D 153 -0.88 14.82 13.82
CA GLY D 153 -2.33 14.74 13.65
C GLY D 153 -3.04 16.05 13.43
N ASP D 154 -2.26 17.12 13.19
CA ASP D 154 -2.78 18.47 13.14
C ASP D 154 -2.20 19.27 11.97
N TRP D 155 -1.97 18.58 10.85
CA TRP D 155 -1.34 19.17 9.67
C TRP D 155 0.08 19.67 9.93
N THR D 156 0.76 19.06 10.90
CA THR D 156 2.20 19.28 11.09
C THR D 156 2.90 17.96 11.38
N PHE D 157 4.20 17.92 11.12
CA PHE D 157 5.02 16.73 11.34
C PHE D 157 6.23 17.08 12.18
N GLN D 158 6.90 16.07 12.71
CA GLN D 158 8.18 16.27 13.37
C GLN D 158 9.03 15.01 13.25
N THR D 159 10.32 15.16 13.54
CA THR D 159 11.20 14.01 13.64
C THR D 159 12.39 14.36 14.51
N LEU D 160 12.95 13.33 15.15
CA LEU D 160 14.19 13.47 15.90
C LEU D 160 15.23 12.59 15.23
N VAL D 161 16.35 13.20 14.86
CA VAL D 161 17.44 12.45 14.27
C VAL D 161 18.67 12.55 15.19
N MET D 162 19.08 11.42 15.71
CA MET D 162 20.11 11.39 16.74
C MET D 162 21.42 10.82 16.22
N LEU D 163 22.52 11.40 16.67
CA LEU D 163 23.84 10.97 16.28
C LEU D 163 24.59 10.45 17.50
N GLU D 164 24.91 9.16 17.49
CA GLU D 164 25.72 8.56 18.55
C GLU D 164 27.17 8.94 18.32
N THR D 165 27.72 9.74 19.23
CA THR D 165 29.08 10.23 19.03
C THR D 165 29.71 10.60 20.36
N VAL D 166 31.03 10.67 20.37
CA VAL D 166 31.77 11.12 21.55
C VAL D 166 32.47 12.42 21.21
N PRO D 167 31.82 13.56 21.54
CA PRO D 167 32.33 14.89 21.23
C PRO D 167 33.69 15.20 21.86
N ARG D 168 34.60 15.71 21.05
CA ARG D 168 35.89 16.15 21.55
C ARG D 168 35.90 17.67 21.57
N SER D 169 36.71 18.26 22.44
CA SER D 169 36.77 19.71 22.58
C SER D 169 37.08 20.40 21.25
N GLY D 170 36.30 21.43 20.93
CA GLY D 170 36.52 22.20 19.72
C GLY D 170 35.82 21.65 18.50
N GLU D 171 35.12 20.53 18.66
CA GLU D 171 34.40 19.93 17.53
C GLU D 171 33.10 20.66 17.26
N VAL D 172 32.81 20.88 15.99
CA VAL D 172 31.56 21.51 15.59
C VAL D 172 30.73 20.54 14.77
N TYR D 173 29.53 20.24 15.26
CA TYR D 173 28.60 19.36 14.57
C TYR D 173 27.52 20.17 13.87
N THR D 174 27.10 19.73 12.69
CA THR D 174 26.05 20.43 11.96
C THR D 174 24.91 19.51 11.57
N CYS D 175 23.69 19.95 11.88
CA CYS D 175 22.51 19.25 11.42
C CYS D 175 21.97 19.96 10.19
N GLN D 176 21.80 19.22 9.09
CA GLN D 176 21.32 19.81 7.84
C GLN D 176 19.94 19.28 7.46
N VAL D 177 19.03 20.17 7.11
CA VAL D 177 17.64 19.80 6.83
C VAL D 177 17.13 20.28 5.48
N GLU D 178 16.58 19.35 4.71
CA GLU D 178 15.95 19.66 3.42
C GLU D 178 14.46 19.39 3.51
N HIS D 179 13.67 20.26 2.89
CA HIS D 179 12.23 20.23 3.00
C HIS D 179 11.62 21.00 1.83
N PRO D 180 10.44 20.57 1.34
CA PRO D 180 9.87 21.26 0.18
C PRO D 180 9.65 22.76 0.40
N SER D 181 9.57 23.20 1.65
CA SER D 181 9.36 24.62 1.94
C SER D 181 10.62 25.47 1.74
N VAL D 182 11.77 24.84 1.52
CA VAL D 182 13.00 25.60 1.33
C VAL D 182 13.75 25.13 0.08
N THR D 183 14.52 26.04 -0.52
CA THR D 183 15.28 25.70 -1.72
C THR D 183 16.77 25.62 -1.39
N SER D 184 17.10 25.90 -0.14
CA SER D 184 18.44 25.76 0.36
C SER D 184 18.35 25.11 1.73
N PRO D 185 19.28 24.18 2.04
CA PRO D 185 19.16 23.45 3.30
C PRO D 185 19.22 24.33 4.53
N LEU D 186 18.40 24.02 5.53
CA LEU D 186 18.52 24.68 6.81
C LEU D 186 19.61 23.93 7.57
N THR D 187 20.51 24.69 8.20
CA THR D 187 21.59 24.11 8.97
C THR D 187 21.64 24.67 10.39
N VAL D 188 21.96 23.83 11.36
CA VAL D 188 22.16 24.28 12.73
C VAL D 188 23.44 23.66 13.29
N GLU D 189 24.29 24.50 13.89
CA GLU D 189 25.54 24.00 14.43
C GLU D 189 25.49 23.81 15.95
N TRP D 190 26.25 22.84 16.42
CA TRP D 190 26.43 22.59 17.84
C TRP D 190 27.92 22.41 18.12
N ARG D 191 28.42 23.11 19.12
CA ARG D 191 29.85 23.03 19.45
C ARG D 191 30.00 22.44 20.85
N ALA D 192 30.92 21.48 21.00
CA ALA D 192 31.18 20.91 22.31
C ALA D 192 31.87 21.96 23.18
N THR D 193 31.33 22.17 24.37
CA THR D 193 31.83 23.21 25.27
C THR D 193 33.14 22.80 25.93
N GLY E 1 27.56 -5.25 -14.32
CA GLY E 1 27.48 -5.03 -12.90
C GLY E 1 26.96 -6.25 -12.18
N VAL E 2 27.18 -6.30 -10.87
CA VAL E 2 26.79 -7.45 -10.07
C VAL E 2 25.76 -7.08 -9.01
N TYR E 3 24.59 -7.71 -9.09
CA TYR E 3 23.55 -7.55 -8.08
C TYR E 3 24.06 -8.00 -6.71
N ALA E 4 23.78 -7.21 -5.67
CA ALA E 4 24.17 -7.59 -4.32
C ALA E 4 23.02 -8.24 -3.57
N THR E 5 23.35 -9.21 -2.72
CA THR E 5 22.35 -9.83 -1.84
C THR E 5 22.28 -9.06 -0.54
N SER E 7 22.14 -9.95 3.05
CA SER E 7 22.09 -11.14 3.88
C SER E 7 20.98 -11.07 4.92
N SER E 8 20.42 -12.22 5.28
CA SER E 8 19.36 -12.27 6.28
C SER E 8 19.95 -12.56 7.66
N ALA E 9 19.30 -12.01 8.68
CA ALA E 9 19.75 -12.21 10.05
C ALA E 9 19.08 -13.44 10.66
N VAL E 10 19.83 -14.14 11.49
CA VAL E 10 19.31 -15.31 12.19
C VAL E 10 18.60 -14.88 13.47
N ARG E 11 17.35 -15.29 13.60
CA ARG E 11 16.53 -14.96 14.78
C ARG E 11 17.15 -15.50 16.06
N LEU E 12 16.69 -14.97 17.20
CA LEU E 12 17.16 -15.44 18.49
C LEU E 12 16.64 -16.85 18.78
N ARG E 13 17.55 -17.76 19.13
CA ARG E 13 17.18 -19.14 19.43
C ARG E 13 16.66 -19.28 20.86
N GLY F 1 -15.02 27.52 -2.62
CA GLY F 1 -15.51 26.31 -3.25
C GLY F 1 -16.28 25.43 -2.29
N VAL F 2 -17.05 24.50 -2.85
CA VAL F 2 -17.88 23.60 -2.05
C VAL F 2 -17.44 22.17 -2.28
N TYR F 3 -16.99 21.50 -1.21
CA TYR F 3 -16.66 20.09 -1.28
C TYR F 3 -17.86 19.25 -1.70
N ALA F 4 -17.64 18.32 -2.62
CA ALA F 4 -18.72 17.45 -3.07
C ALA F 4 -18.67 16.11 -2.33
N THR F 5 -19.85 15.56 -2.02
CA THR F 5 -19.95 14.25 -1.41
C THR F 5 -20.02 13.18 -2.50
N SER F 7 -22.06 10.10 -3.16
CA SER F 7 -23.12 9.33 -2.52
C SER F 7 -22.77 7.84 -2.45
N SER F 8 -23.24 7.17 -1.40
CA SER F 8 -23.00 5.74 -1.26
C SER F 8 -24.16 4.95 -1.84
N ALA F 9 -23.85 3.78 -2.39
CA ALA F 9 -24.87 2.94 -2.97
C ALA F 9 -25.42 1.96 -1.92
N VAL F 10 -26.71 1.68 -2.02
CA VAL F 10 -27.37 0.74 -1.13
C VAL F 10 -27.20 -0.68 -1.65
N ARG F 11 -26.65 -1.55 -0.81
CA ARG F 11 -26.44 -2.95 -1.16
C ARG F 11 -27.74 -3.67 -1.52
N LEU F 12 -27.60 -4.82 -2.18
CA LEU F 12 -28.74 -5.66 -2.52
C LEU F 12 -29.34 -6.30 -1.27
N ARG F 13 -30.65 -6.14 -1.08
CA ARG F 13 -31.35 -6.73 0.07
C ARG F 13 -31.72 -8.19 -0.17
#